data_6XK2
#
_entry.id   6XK2
#
_cell.length_a   77.170
_cell.length_b   84.570
_cell.length_c   98.270
_cell.angle_alpha   90.000
_cell.angle_beta   95.270
_cell.angle_gamma   90.000
#
_symmetry.space_group_name_H-M   'P 1 21 1'
#
loop_
_entity.id
_entity.type
_entity.pdbx_description
1 polymer Ribokinase
2 non-polymer "ADENOSINE-5'-DIPHOSPHATE"
3 non-polymer 1,2-ETHANEDIOL
4 non-polymer 'SODIUM ION'
5 water water
#
_entity_poly.entity_id   1
_entity_poly.type   'polypeptide(L)'
_entity_poly.pdbx_seq_one_letter_code
;MAHHHHHHMSTSSRCLVRGSVNIDEFFHLPHIVRPGETISSTGLTKRAGGKGANQAFAVARAGGQVELDGAIGDDGIWVK
EMLESAGVGTDKLKIVKDEVTGRAVIQSAADGENSIVLHAGANYYLPSPTPTTSLATYTHLLVQNEVPLSSTLAYLTAAG
QSSPPLTSVFNPSPMLTPAQLREFPWKHLSWLIVNEGELGDLLLAFGSSANPGEAKEDELQAKASAGILELHENDYFSKN
VGIICTLGAKGILCYEPGKEVGYLPAAKLQNPVKDTTGAGDCFAGYFVAGLMSGKSLQDALKTCLVACGICVENEGAMES
VPTLNAVKERLA
;
_entity_poly.pdbx_strand_id   A,B,C,D
#
# COMPACT_ATOMS: atom_id res chain seq x y z
N SER A 10 11.40 -14.64 -13.03
CA SER A 10 10.85 -13.52 -12.25
C SER A 10 11.96 -12.67 -11.63
N THR A 11 12.01 -11.44 -12.11
CA THR A 11 13.07 -10.47 -11.91
C THR A 11 12.90 -9.69 -10.59
N SER A 12 14.00 -9.15 -10.08
CA SER A 12 13.90 -8.26 -8.93
C SER A 12 13.13 -7.01 -9.28
N SER A 13 12.19 -6.64 -8.42
CA SER A 13 11.35 -5.47 -8.65
C SER A 13 12.11 -4.19 -8.29
N ARG A 14 11.92 -3.16 -9.09
CA ARG A 14 12.52 -1.86 -8.79
C ARG A 14 11.55 -0.80 -9.25
N CYS A 15 11.32 0.21 -8.40
CA CYS A 15 10.33 1.23 -8.68
C CYS A 15 11.00 2.56 -8.94
N LEU A 16 10.55 3.24 -9.98
CA LEU A 16 10.94 4.62 -10.21
C LEU A 16 9.74 5.49 -9.88
N VAL A 17 9.94 6.43 -8.94
CA VAL A 17 8.92 7.41 -8.63
C VAL A 17 9.31 8.70 -9.34
N ARG A 18 8.47 9.13 -10.26
CA ARG A 18 8.64 10.42 -10.93
C ARG A 18 7.67 11.40 -10.28
N GLY A 19 8.18 12.32 -9.48
CA GLY A 19 7.27 13.15 -8.71
C GLY A 19 7.95 14.26 -7.96
N SER A 20 7.19 14.83 -7.04
CA SER A 20 7.49 16.09 -6.42
C SER A 20 8.20 15.89 -5.09
N VAL A 21 8.95 16.91 -4.70
CA VAL A 21 9.42 17.09 -3.32
C VAL A 21 8.95 18.45 -2.85
N ASN A 22 8.34 18.49 -1.66
CA ASN A 22 7.82 19.72 -1.09
C ASN A 22 8.35 19.91 0.32
N ILE A 23 8.53 21.16 0.69
CA ILE A 23 8.59 21.54 2.09
C ILE A 23 7.17 21.96 2.47
N ASP A 24 6.54 21.18 3.34
CA ASP A 24 5.16 21.42 3.74
C ASP A 24 5.13 22.36 4.95
N GLU A 25 4.31 23.40 4.85
CA GLU A 25 4.09 24.30 5.96
C GLU A 25 2.64 24.17 6.40
N PHE A 26 2.44 23.57 7.57
CA PHE A 26 1.10 23.42 8.17
C PHE A 26 0.83 24.60 9.10
N PHE A 27 -0.07 25.49 8.69
CA PHE A 27 -0.54 26.58 9.53
C PHE A 27 -1.80 26.13 10.24
N HIS A 28 -1.73 26.05 11.56
CA HIS A 28 -2.86 25.62 12.36
C HIS A 28 -3.81 26.79 12.55
N LEU A 29 -5.05 26.62 12.08
CA LEU A 29 -6.05 27.68 12.05
C LEU A 29 -7.36 27.18 12.64
N PRO A 30 -8.17 28.08 13.19
CA PRO A 30 -9.53 27.68 13.60
C PRO A 30 -10.34 27.11 12.45
N HIS A 31 -10.35 27.77 11.30
CA HIS A 31 -11.07 27.28 10.14
C HIS A 31 -10.32 27.72 8.89
N ILE A 32 -10.67 27.11 7.76
CA ILE A 32 -10.08 27.52 6.49
C ILE A 32 -10.46 28.97 6.24
N VAL A 33 -9.48 29.80 5.86
CA VAL A 33 -9.77 31.21 5.69
C VAL A 33 -10.70 31.39 4.50
N ARG A 34 -11.72 32.18 4.68
CA ARG A 34 -12.76 32.50 3.72
C ARG A 34 -12.38 33.77 2.95
N PRO A 35 -12.84 33.91 1.72
CA PRO A 35 -12.46 35.08 0.90
C PRO A 35 -12.78 36.39 1.60
N GLY A 36 -11.77 37.27 1.67
CA GLY A 36 -11.92 38.56 2.34
C GLY A 36 -11.55 38.58 3.80
N GLU A 37 -11.35 37.42 4.42
CA GLU A 37 -11.11 37.30 5.85
C GLU A 37 -9.62 37.34 6.14
N THR A 38 -9.28 37.90 7.30
CA THR A 38 -7.95 37.78 7.86
C THR A 38 -8.04 36.93 9.12
N ILE A 39 -7.09 36.04 9.31
CA ILE A 39 -7.14 35.14 10.45
C ILE A 39 -5.70 34.83 10.87
N SER A 40 -5.51 34.62 12.17
CA SER A 40 -4.21 34.34 12.74
C SER A 40 -4.09 32.84 12.98
N SER A 41 -2.95 32.27 12.59
CA SER A 41 -2.65 30.89 12.90
C SER A 41 -2.39 30.73 14.39
N THR A 42 -2.59 29.51 14.88
CA THR A 42 -2.26 29.18 16.25
C THR A 42 -0.93 28.46 16.36
N GLY A 43 -0.36 28.07 15.24
CA GLY A 43 0.90 27.38 15.25
C GLY A 43 1.27 27.03 13.83
N LEU A 44 2.53 26.69 13.66
CA LEU A 44 3.07 26.34 12.36
C LEU A 44 3.96 25.11 12.54
N THR A 45 3.73 24.12 11.69
CA THR A 45 4.57 22.92 11.63
C THR A 45 5.12 22.82 10.22
N LYS A 46 6.43 22.70 10.13
CA LYS A 46 7.18 22.59 8.88
C LYS A 46 7.75 21.19 8.81
N ARG A 47 7.49 20.48 7.70
CA ARG A 47 7.90 19.09 7.55
C ARG A 47 8.18 18.79 6.08
N ALA A 48 8.98 17.73 5.87
CA ALA A 48 9.20 17.22 4.52
C ALA A 48 7.92 16.61 3.96
N GLY A 49 7.70 16.82 2.68
CA GLY A 49 6.50 16.31 2.03
C GLY A 49 6.68 16.21 0.55
N GLY A 50 5.57 16.37 -0.17
CA GLY A 50 5.52 16.14 -1.60
C GLY A 50 4.99 14.75 -1.88
N LYS A 51 4.05 14.65 -2.82
CA LYS A 51 3.48 13.36 -3.18
C LYS A 51 4.56 12.38 -3.64
N GLY A 52 5.50 12.85 -4.47
CA GLY A 52 6.56 11.97 -4.93
C GLY A 52 7.40 11.46 -3.78
N ALA A 53 7.91 12.38 -2.96
CA ALA A 53 8.73 12.00 -1.83
C ALA A 53 7.94 11.15 -0.83
N ASN A 54 6.70 11.55 -0.53
CA ASN A 54 5.92 10.78 0.45
C ASN A 54 5.73 9.33 0.00
N GLN A 55 5.30 9.15 -1.24
CA GLN A 55 5.04 7.81 -1.76
C GLN A 55 6.34 7.02 -1.94
N ALA A 56 7.40 7.67 -2.44
CA ALA A 56 8.69 6.99 -2.53
C ALA A 56 9.15 6.53 -1.17
N PHE A 57 8.98 7.39 -0.15
CA PHE A 57 9.36 7.07 1.22
C PHE A 57 8.63 5.83 1.71
N ALA A 58 7.33 5.75 1.47
CA ALA A 58 6.56 4.61 1.93
C ALA A 58 6.98 3.31 1.22
N VAL A 59 7.28 3.39 -0.08
CA VAL A 59 7.81 2.22 -0.80
C VAL A 59 9.07 1.71 -0.10
N ALA A 60 10.00 2.62 0.20
CA ALA A 60 11.24 2.21 0.87
C ALA A 60 10.95 1.63 2.25
N ARG A 61 10.06 2.27 3.03
CA ARG A 61 9.68 1.74 4.34
C ARG A 61 9.07 0.35 4.22
N ALA A 62 8.29 0.11 3.18
CA ALA A 62 7.67 -1.18 2.94
C ALA A 62 8.65 -2.22 2.38
N GLY A 63 9.91 -1.83 2.15
CA GLY A 63 10.92 -2.78 1.78
C GLY A 63 11.23 -2.89 0.30
N GLY A 64 10.69 -1.99 -0.51
CA GLY A 64 10.92 -2.06 -1.94
C GLY A 64 12.12 -1.24 -2.38
N GLN A 65 12.70 -1.67 -3.50
CA GLN A 65 13.74 -0.93 -4.19
C GLN A 65 13.08 0.24 -4.91
N VAL A 66 13.49 1.47 -4.60
CA VAL A 66 12.81 2.63 -5.15
C VAL A 66 13.81 3.74 -5.41
N GLU A 67 13.57 4.51 -6.47
CA GLU A 67 14.36 5.67 -6.83
C GLU A 67 13.42 6.83 -7.15
N LEU A 68 13.74 8.02 -6.63
CA LEU A 68 12.93 9.20 -6.84
C LEU A 68 13.57 10.09 -7.90
N ASP A 69 12.80 10.44 -8.92
CA ASP A 69 13.28 11.24 -10.05
C ASP A 69 12.58 12.58 -9.98
N GLY A 70 13.34 13.63 -9.72
CA GLY A 70 12.75 14.94 -9.53
C GLY A 70 13.81 15.96 -9.21
N ALA A 71 13.38 17.08 -8.66
CA ALA A 71 14.32 18.16 -8.42
C ALA A 71 13.97 18.91 -7.15
N ILE A 72 15.00 19.33 -6.41
CA ILE A 72 14.82 20.19 -5.26
C ILE A 72 15.70 21.40 -5.47
N GLY A 73 15.55 22.37 -4.56
CA GLY A 73 16.53 23.42 -4.40
C GLY A 73 17.46 23.06 -3.26
N ASP A 74 18.53 23.84 -3.15
CA ASP A 74 19.52 23.59 -2.11
C ASP A 74 18.95 23.80 -0.72
N ASP A 75 17.89 24.60 -0.58
CA ASP A 75 17.19 24.70 0.70
C ASP A 75 16.47 23.40 1.05
N GLY A 76 16.43 22.43 0.13
CA GLY A 76 15.74 21.18 0.33
C GLY A 76 16.66 20.01 0.58
N ILE A 77 17.96 20.24 0.72
CA ILE A 77 18.90 19.12 0.86
C ILE A 77 18.59 18.29 2.09
N TRP A 78 18.06 18.90 3.17
CA TRP A 78 17.72 18.12 4.34
C TRP A 78 16.59 17.13 4.03
N VAL A 79 15.70 17.47 3.09
CA VAL A 79 14.69 16.49 2.67
C VAL A 79 15.35 15.35 1.87
N LYS A 80 16.27 15.69 0.96
CA LYS A 80 17.01 14.68 0.23
C LYS A 80 17.72 13.72 1.17
N GLU A 81 18.30 14.25 2.25
CA GLU A 81 19.01 13.39 3.20
C GLU A 81 18.03 12.53 4.00
N MET A 82 16.87 13.08 4.35
CA MET A 82 15.84 12.27 5.00
C MET A 82 15.39 11.12 4.10
N LEU A 83 15.26 11.37 2.80
CA LEU A 83 14.86 10.28 1.90
C LEU A 83 15.95 9.22 1.82
N GLU A 84 17.22 9.64 1.72
CA GLU A 84 18.32 8.68 1.66
C GLU A 84 18.35 7.78 2.89
N SER A 85 18.19 8.38 4.08
CA SER A 85 18.22 7.60 5.32
C SER A 85 17.13 6.54 5.35
N ALA A 86 16.00 6.78 4.69
CA ALA A 86 14.93 5.80 4.65
C ALA A 86 15.12 4.73 3.60
N GLY A 87 16.16 4.82 2.78
CA GLY A 87 16.32 3.86 1.71
C GLY A 87 15.78 4.29 0.37
N VAL A 88 15.34 5.55 0.23
CA VAL A 88 14.97 6.07 -1.07
C VAL A 88 16.23 6.42 -1.86
N GLY A 89 16.31 5.90 -3.07
CA GLY A 89 17.41 6.28 -3.95
C GLY A 89 17.22 7.70 -4.46
N THR A 90 18.30 8.49 -4.40
CA THR A 90 18.21 9.92 -4.72
C THR A 90 19.20 10.37 -5.78
N ASP A 91 19.82 9.47 -6.56
CA ASP A 91 20.72 9.93 -7.61
C ASP A 91 20.01 10.79 -8.65
N LYS A 92 18.72 10.54 -8.90
CA LYS A 92 17.98 11.30 -9.89
C LYS A 92 17.15 12.41 -9.27
N LEU A 93 17.39 12.75 -8.00
CA LEU A 93 16.81 13.94 -7.38
C LEU A 93 17.81 15.06 -7.56
N LYS A 94 17.60 15.88 -8.59
CA LYS A 94 18.57 16.92 -8.91
C LYS A 94 18.43 18.09 -7.95
N ILE A 95 19.55 18.78 -7.72
CA ILE A 95 19.58 20.00 -6.93
C ILE A 95 19.83 21.16 -7.89
N VAL A 96 18.80 21.98 -8.10
CA VAL A 96 18.82 23.02 -9.11
C VAL A 96 19.30 24.32 -8.47
N LYS A 97 20.44 24.84 -8.95
CA LYS A 97 20.93 26.13 -8.48
C LYS A 97 19.90 27.22 -8.77
N ASP A 98 19.86 28.23 -7.89
CA ASP A 98 19.04 29.42 -8.11
C ASP A 98 17.55 29.05 -8.19
N GLU A 99 17.17 28.03 -7.45
CA GLU A 99 15.79 27.58 -7.41
C GLU A 99 15.51 27.13 -5.98
N VAL A 100 14.24 27.22 -5.57
CA VAL A 100 13.88 26.80 -4.23
C VAL A 100 13.03 25.53 -4.34
N THR A 101 13.13 24.70 -3.31
CA THR A 101 12.30 23.52 -3.21
C THR A 101 10.83 23.88 -3.28
N GLY A 102 10.05 23.02 -3.93
CA GLY A 102 8.62 23.25 -3.98
C GLY A 102 8.01 23.29 -2.59
N ARG A 103 6.89 24.01 -2.48
CA ARG A 103 6.26 24.25 -1.20
C ARG A 103 4.78 23.95 -1.26
N ALA A 104 4.26 23.48 -0.14
CA ALA A 104 2.83 23.39 0.08
C ALA A 104 2.51 24.27 1.30
N VAL A 105 1.67 25.27 1.09
CA VAL A 105 1.12 26.06 2.19
C VAL A 105 -0.23 25.45 2.54
N ILE A 106 -0.31 24.79 3.69
CA ILE A 106 -1.47 24.01 4.06
C ILE A 106 -2.14 24.65 5.26
N GLN A 107 -3.42 24.98 5.10
CA GLN A 107 -4.26 25.39 6.22
C GLN A 107 -4.83 24.13 6.85
N SER A 108 -4.41 23.85 8.08
CA SER A 108 -4.90 22.70 8.85
C SER A 108 -5.89 23.24 9.87
N ALA A 109 -7.18 23.07 9.58
CA ALA A 109 -8.19 23.69 10.42
C ALA A 109 -8.47 22.81 11.63
N ALA A 110 -8.89 23.44 12.73
CA ALA A 110 -9.29 22.67 13.89
C ALA A 110 -10.55 21.87 13.58
N ASP A 111 -11.41 22.43 12.71
CA ASP A 111 -12.51 21.69 12.07
C ASP A 111 -12.04 20.29 11.62
N GLY A 112 -10.91 20.20 10.91
CA GLY A 112 -10.38 18.92 10.47
C GLY A 112 -9.98 18.96 9.01
N GLU A 113 -10.70 19.78 8.24
CA GLU A 113 -10.44 19.93 6.82
C GLU A 113 -9.10 20.63 6.60
N ASN A 114 -8.44 20.30 5.51
CA ASN A 114 -7.19 20.94 5.12
C ASN A 114 -7.36 21.59 3.76
N SER A 115 -6.55 22.61 3.50
CA SER A 115 -6.50 23.27 2.21
C SER A 115 -5.04 23.48 1.84
N ILE A 116 -4.72 23.26 0.57
CA ILE A 116 -3.32 23.23 0.14
C ILE A 116 -3.14 24.19 -1.01
N VAL A 117 -2.14 25.06 -0.89
CA VAL A 117 -1.66 25.88 -2.00
C VAL A 117 -0.25 25.39 -2.33
N LEU A 118 -0.05 24.99 -3.59
CA LEU A 118 1.23 24.49 -4.05
C LEU A 118 2.01 25.60 -4.71
N HIS A 119 3.31 25.63 -4.44
CA HIS A 119 4.27 26.45 -5.19
C HIS A 119 5.25 25.48 -5.82
N ALA A 120 5.26 25.41 -7.16
CA ALA A 120 5.98 24.36 -7.86
C ALA A 120 7.46 24.35 -7.52
N GLY A 121 8.11 25.52 -7.59
CA GLY A 121 9.55 25.60 -7.36
C GLY A 121 10.32 24.67 -8.27
N ALA A 122 11.30 23.97 -7.70
CA ALA A 122 12.15 23.09 -8.49
C ALA A 122 11.37 21.93 -9.08
N ASN A 123 10.20 21.61 -8.52
CA ASN A 123 9.40 20.51 -9.03
C ASN A 123 9.02 20.70 -10.49
N TYR A 124 9.03 21.94 -11.00
CA TYR A 124 8.74 22.20 -12.40
C TYR A 124 9.99 22.49 -13.22
N TYR A 125 11.18 22.25 -12.67
CA TYR A 125 12.41 22.31 -13.44
C TYR A 125 12.43 21.23 -14.51
N LEU A 126 12.59 21.64 -15.76
CA LEU A 126 12.67 20.73 -16.91
C LEU A 126 13.93 21.09 -17.69
N PRO A 127 14.94 20.23 -17.69
CA PRO A 127 16.16 20.55 -18.45
C PRO A 127 15.84 20.70 -19.94
N SER A 128 16.62 21.56 -20.59
CA SER A 128 16.46 21.85 -22.02
C SER A 128 17.81 21.64 -22.70
N PRO A 129 17.94 20.66 -23.62
CA PRO A 129 16.89 19.76 -24.10
C PRO A 129 16.49 18.61 -23.15
N THR A 130 15.46 17.87 -23.53
CA THR A 130 14.94 16.79 -22.69
C THR A 130 15.86 15.57 -22.77
N THR A 133 15.15 9.88 -20.84
CA THR A 133 15.62 9.10 -19.69
C THR A 133 15.27 7.63 -19.89
N SER A 134 16.24 6.77 -19.55
CA SER A 134 16.11 5.33 -19.62
C SER A 134 15.34 4.74 -18.42
N LEU A 135 14.50 3.74 -18.69
CA LEU A 135 13.79 2.98 -17.66
C LEU A 135 14.39 1.58 -17.48
N ALA A 136 15.69 1.44 -17.75
CA ALA A 136 16.23 0.12 -18.01
C ALA A 136 16.05 -0.86 -16.86
N THR A 137 16.34 -0.48 -15.63
CA THR A 137 16.25 -1.58 -14.65
C THR A 137 14.90 -1.68 -13.94
N TYR A 138 13.91 -0.91 -14.34
CA TYR A 138 12.71 -0.72 -13.55
C TYR A 138 11.54 -1.59 -14.04
N THR A 139 10.80 -2.09 -13.07
CA THR A 139 9.59 -2.86 -13.29
C THR A 139 8.31 -2.09 -13.00
N HIS A 140 8.38 -1.04 -12.18
CA HIS A 140 7.20 -0.32 -11.71
C HIS A 140 7.45 1.18 -11.77
N LEU A 141 6.43 1.93 -12.21
CA LEU A 141 6.49 3.38 -12.39
C LEU A 141 5.33 3.98 -11.60
N LEU A 142 5.65 4.92 -10.72
CA LEU A 142 4.66 5.60 -9.87
C LEU A 142 4.70 7.09 -10.18
N VAL A 143 3.54 7.68 -10.44
CA VAL A 143 3.46 9.07 -10.86
C VAL A 143 2.25 9.74 -10.22
N GLN A 144 2.35 11.04 -10.03
CA GLN A 144 1.24 11.85 -9.56
C GLN A 144 1.09 13.02 -10.49
N ASN A 145 0.69 14.18 -9.97
CA ASN A 145 0.53 15.33 -10.85
C ASN A 145 1.14 16.59 -10.25
N GLU A 146 2.19 16.45 -9.45
CA GLU A 146 2.83 17.61 -8.85
C GLU A 146 4.08 18.05 -9.61
N VAL A 147 4.37 17.43 -10.74
CA VAL A 147 5.43 17.87 -11.64
C VAL A 147 4.77 18.24 -12.95
N PRO A 148 5.46 18.84 -13.92
CA PRO A 148 4.78 19.16 -15.18
C PRO A 148 4.24 17.91 -15.84
N LEU A 149 3.01 18.03 -16.35
CA LEU A 149 2.28 16.88 -16.89
C LEU A 149 3.02 16.25 -18.07
N SER A 150 3.70 17.06 -18.88
CA SER A 150 4.47 16.50 -19.99
C SER A 150 5.50 15.50 -19.49
N SER A 151 6.11 15.79 -18.34
CA SER A 151 7.09 14.87 -17.77
C SER A 151 6.40 13.59 -17.29
N THR A 152 5.31 13.73 -16.56
CA THR A 152 4.56 12.54 -16.16
C THR A 152 4.14 11.70 -17.36
N LEU A 153 3.63 12.37 -18.41
CA LEU A 153 3.22 11.66 -19.61
C LEU A 153 4.39 11.01 -20.33
N ALA A 154 5.50 11.72 -20.46
CA ALA A 154 6.66 11.13 -21.14
C ALA A 154 7.13 9.89 -20.41
N TYR A 155 7.08 9.89 -19.07
CA TYR A 155 7.46 8.72 -18.30
C TYR A 155 6.49 7.56 -18.52
N LEU A 156 5.19 7.84 -18.56
CA LEU A 156 4.21 6.78 -18.81
C LEU A 156 4.37 6.20 -20.21
N THR A 157 4.54 7.08 -21.21
CA THR A 157 4.80 6.60 -22.56
C THR A 157 6.01 5.69 -22.57
N ALA A 158 7.08 6.10 -21.88
CA ALA A 158 8.29 5.29 -21.84
C ALA A 158 8.06 3.98 -21.10
N ALA A 159 7.33 4.03 -19.96
CA ALA A 159 7.02 2.81 -19.25
C ALA A 159 6.21 1.85 -20.12
N GLY A 160 5.19 2.38 -20.80
CA GLY A 160 4.31 1.56 -21.60
C GLY A 160 4.94 1.05 -22.88
N GLN A 161 5.97 1.74 -23.38
CA GLN A 161 6.66 1.36 -24.60
C GLN A 161 7.90 0.51 -24.34
N SER A 162 8.05 -0.03 -23.13
CA SER A 162 9.15 -0.94 -22.83
C SER A 162 8.72 -2.37 -23.10
N SER A 163 9.71 -3.27 -23.09
CA SER A 163 9.49 -4.69 -23.37
C SER A 163 10.10 -5.54 -22.27
N PRO A 164 9.28 -6.12 -21.38
CA PRO A 164 7.83 -5.88 -21.35
C PRO A 164 7.47 -4.51 -20.75
N PRO A 165 6.23 -4.08 -20.92
CA PRO A 165 5.81 -2.79 -20.35
C PRO A 165 5.89 -2.82 -18.82
N LEU A 166 6.27 -1.66 -18.25
CA LEU A 166 6.30 -1.53 -16.80
C LEU A 166 4.88 -1.51 -16.24
N THR A 167 4.75 -2.03 -15.04
CA THR A 167 3.53 -1.82 -14.25
C THR A 167 3.54 -0.39 -13.72
N SER A 168 2.66 0.45 -14.24
CA SER A 168 2.67 1.86 -13.90
C SER A 168 1.40 2.22 -13.15
N VAL A 169 1.57 2.98 -12.08
CA VAL A 169 0.53 3.34 -11.11
C VAL A 169 0.41 4.86 -11.09
N PHE A 170 -0.82 5.36 -11.07
CA PHE A 170 -1.07 6.79 -11.21
C PHE A 170 -1.98 7.30 -10.09
N ASN A 171 -1.57 8.37 -9.43
CA ASN A 171 -2.38 9.01 -8.38
C ASN A 171 -2.59 10.45 -8.83
N PRO A 172 -3.75 10.79 -9.39
CA PRO A 172 -3.91 12.12 -10.03
C PRO A 172 -4.11 13.26 -9.03
N SER A 173 -3.02 13.64 -8.39
CA SER A 173 -3.04 14.60 -7.29
C SER A 173 -1.99 15.67 -7.53
N PRO A 174 -2.38 16.95 -7.64
CA PRO A 174 -3.77 17.40 -7.66
C PRO A 174 -4.48 17.03 -8.97
N MET A 175 -5.79 17.19 -8.98
CA MET A 175 -6.60 16.74 -10.11
C MET A 175 -6.20 17.48 -11.39
N LEU A 176 -6.18 16.73 -12.49
CA LEU A 176 -5.95 17.27 -13.82
C LEU A 176 -7.18 18.00 -14.33
N THR A 177 -6.99 18.87 -15.31
CA THR A 177 -8.10 19.55 -15.93
C THR A 177 -8.96 18.55 -16.70
N PRO A 178 -10.24 18.84 -16.91
CA PRO A 178 -11.08 17.92 -17.70
C PRO A 178 -10.47 17.55 -19.04
N ALA A 179 -9.90 18.53 -19.75
CA ALA A 179 -9.30 18.24 -21.05
C ALA A 179 -8.13 17.27 -20.93
N GLN A 180 -7.25 17.49 -19.96
CA GLN A 180 -6.10 16.61 -19.76
C GLN A 180 -6.55 15.19 -19.42
N LEU A 181 -7.61 15.04 -18.63
CA LEU A 181 -8.08 13.71 -18.26
C LEU A 181 -8.61 12.96 -19.48
N ARG A 182 -9.25 13.67 -20.41
CA ARG A 182 -9.82 12.98 -21.58
C ARG A 182 -8.75 12.56 -22.58
N GLU A 183 -7.64 13.27 -22.65
CA GLU A 183 -6.55 12.90 -23.56
C GLU A 183 -5.45 12.11 -22.85
N PHE A 184 -5.68 11.74 -21.60
CA PHE A 184 -4.69 10.98 -20.83
C PHE A 184 -4.55 9.56 -21.38
N PRO A 185 -3.33 9.03 -21.44
CA PRO A 185 -3.13 7.65 -21.93
C PRO A 185 -3.48 6.59 -20.90
N TRP A 186 -4.77 6.36 -20.68
CA TRP A 186 -5.18 5.35 -19.70
C TRP A 186 -4.74 3.95 -20.11
N LYS A 187 -4.61 3.69 -21.42
CA LYS A 187 -4.21 2.36 -21.87
C LYS A 187 -2.85 1.94 -21.29
N HIS A 188 -2.00 2.91 -20.94
CA HIS A 188 -0.67 2.69 -20.41
C HIS A 188 -0.61 2.49 -18.91
N LEU A 189 -1.75 2.47 -18.24
CA LEU A 189 -1.81 2.46 -16.79
C LEU A 189 -2.15 1.07 -16.28
N SER A 190 -1.42 0.60 -15.28
CA SER A 190 -1.87 -0.61 -14.61
C SER A 190 -2.87 -0.32 -13.52
N TRP A 191 -2.63 0.73 -12.72
CA TRP A 191 -3.43 1.04 -11.54
C TRP A 191 -3.70 2.54 -11.43
N LEU A 192 -4.95 2.87 -11.13
CA LEU A 192 -5.37 4.21 -10.80
C LEU A 192 -5.73 4.20 -9.32
N ILE A 193 -5.08 5.05 -8.53
CA ILE A 193 -5.40 5.21 -7.11
C ILE A 193 -5.99 6.60 -6.88
N VAL A 194 -7.20 6.63 -6.32
CA VAL A 194 -7.94 7.86 -6.09
C VAL A 194 -8.72 7.74 -4.80
N ASN A 195 -9.18 8.89 -4.29
CA ASN A 195 -10.19 8.90 -3.25
C ASN A 195 -11.54 9.14 -3.90
N GLU A 196 -12.61 9.19 -3.10
CA GLU A 196 -13.94 9.29 -3.71
C GLU A 196 -14.12 10.62 -4.44
N GLY A 197 -13.52 11.69 -3.93
CA GLY A 197 -13.65 12.97 -4.62
C GLY A 197 -12.96 12.97 -5.96
N GLU A 198 -11.79 12.36 -6.04
CA GLU A 198 -11.06 12.30 -7.30
C GLU A 198 -11.79 11.38 -8.29
N LEU A 199 -12.34 10.28 -7.80
CA LEU A 199 -13.19 9.43 -8.64
C LEU A 199 -14.30 10.25 -9.28
N GLY A 200 -14.87 11.18 -8.52
CA GLY A 200 -15.91 12.04 -9.08
C GLY A 200 -15.40 12.98 -10.15
N ASP A 201 -14.17 13.47 -10.00
CA ASP A 201 -13.62 14.39 -10.98
C ASP A 201 -13.47 13.72 -12.34
N LEU A 202 -12.93 12.49 -12.36
CA LEU A 202 -12.81 11.75 -13.61
C LEU A 202 -14.19 11.47 -14.21
N LEU A 203 -15.13 11.01 -13.38
CA LEU A 203 -16.47 10.73 -13.88
C LEU A 203 -17.12 11.99 -14.46
N LEU A 204 -17.00 13.12 -13.76
CA LEU A 204 -17.57 14.36 -14.26
C LEU A 204 -16.89 14.78 -15.56
N ALA A 205 -15.56 14.69 -15.62
CA ALA A 205 -14.85 15.04 -16.84
C ALA A 205 -15.24 14.16 -18.02
N PHE A 206 -15.71 12.93 -17.77
CA PHE A 206 -16.06 11.98 -18.81
C PHE A 206 -17.55 11.94 -19.10
N GLY A 207 -18.28 13.00 -18.79
CA GLY A 207 -19.68 13.09 -19.15
C GLY A 207 -20.64 12.39 -18.22
N SER A 208 -20.19 11.92 -17.06
CA SER A 208 -21.06 11.23 -16.13
C SER A 208 -21.81 12.21 -15.25
N SER A 209 -22.97 11.78 -14.75
CA SER A 209 -23.70 12.54 -13.73
C SER A 209 -23.43 12.06 -12.32
N ALA A 210 -22.74 10.93 -12.16
CA ALA A 210 -22.45 10.38 -10.84
C ALA A 210 -21.49 11.29 -10.08
N ASN A 211 -21.79 11.53 -8.80
CA ASN A 211 -20.98 12.37 -7.92
C ASN A 211 -20.71 11.60 -6.64
N PRO A 212 -19.77 10.63 -6.68
CA PRO A 212 -19.52 9.82 -5.48
C PRO A 212 -19.02 10.61 -4.28
N GLY A 213 -18.29 11.72 -4.50
CA GLY A 213 -17.82 12.51 -3.38
C GLY A 213 -18.95 13.16 -2.60
N GLU A 214 -19.96 13.67 -3.32
CA GLU A 214 -21.07 14.38 -2.70
C GLU A 214 -22.11 13.43 -2.08
N ALA A 215 -21.80 12.15 -1.96
CA ALA A 215 -22.74 11.19 -1.40
C ALA A 215 -22.70 11.22 0.13
N LYS A 216 -23.82 10.82 0.75
CA LYS A 216 -23.88 10.77 2.21
C LYS A 216 -23.07 9.60 2.75
N GLU A 217 -22.68 9.71 4.02
CA GLU A 217 -21.81 8.70 4.63
C GLU A 217 -22.44 7.32 4.61
N ASP A 218 -23.78 7.25 4.75
CA ASP A 218 -24.47 5.97 4.78
C ASP A 218 -24.42 5.27 3.42
N GLU A 219 -24.34 6.02 2.33
CA GLU A 219 -24.40 5.46 0.99
C GLU A 219 -23.05 5.49 0.26
N LEU A 220 -22.00 5.98 0.91
CA LEU A 220 -20.73 6.26 0.22
C LEU A 220 -20.15 5.02 -0.44
N GLN A 221 -20.10 3.91 0.30
CA GLN A 221 -19.49 2.69 -0.25
C GLN A 221 -20.21 2.26 -1.52
N ALA A 222 -21.54 2.27 -1.51
CA ALA A 222 -22.31 1.82 -2.67
C ALA A 222 -22.13 2.77 -3.85
N LYS A 223 -22.17 4.08 -3.60
CA LYS A 223 -22.03 5.04 -4.70
C LYS A 223 -20.63 5.02 -5.30
N ALA A 224 -19.60 4.83 -4.46
CA ALA A 224 -18.26 4.72 -4.99
C ALA A 224 -18.07 3.42 -5.77
N SER A 225 -18.66 2.32 -5.27
CA SER A 225 -18.55 1.06 -6.00
C SER A 225 -19.14 1.17 -7.40
N ALA A 226 -20.32 1.78 -7.53
CA ALA A 226 -20.91 1.97 -8.85
C ALA A 226 -20.07 2.92 -9.70
N GLY A 227 -19.58 4.00 -9.10
CA GLY A 227 -18.76 4.95 -9.84
C GLY A 227 -17.53 4.30 -10.44
N ILE A 228 -16.99 3.29 -9.74
CA ILE A 228 -15.85 2.55 -10.27
C ILE A 228 -16.28 1.73 -11.48
N LEU A 229 -17.39 0.98 -11.36
CA LEU A 229 -17.89 0.22 -12.50
C LEU A 229 -18.24 1.11 -13.67
N GLU A 230 -18.79 2.30 -13.40
CA GLU A 230 -19.06 3.24 -14.49
C GLU A 230 -17.76 3.72 -15.13
N LEU A 231 -16.77 4.08 -14.32
CA LEU A 231 -15.50 4.54 -14.88
C LEU A 231 -14.87 3.46 -15.74
N HIS A 232 -14.99 2.20 -15.29
CA HIS A 232 -14.42 1.08 -16.05
C HIS A 232 -15.01 1.01 -17.45
N GLU A 233 -16.31 1.23 -17.57
CA GLU A 233 -17.04 1.07 -18.82
C GLU A 233 -17.08 2.34 -19.67
N ASN A 234 -16.37 3.38 -19.25
CA ASN A 234 -16.42 4.65 -19.97
C ASN A 234 -15.44 4.66 -21.14
N ASP A 235 -15.92 5.19 -22.28
CA ASP A 235 -15.13 5.20 -23.51
C ASP A 235 -13.93 6.12 -23.43
N TYR A 236 -13.94 7.12 -22.55
CA TYR A 236 -12.78 7.97 -22.32
C TYR A 236 -11.70 7.26 -21.50
N PHE A 237 -12.07 6.27 -20.70
CA PHE A 237 -11.16 5.52 -19.84
C PHE A 237 -10.55 4.37 -20.64
N SER A 238 -9.99 3.38 -19.95
CA SER A 238 -9.53 2.14 -20.58
C SER A 238 -9.90 0.97 -19.68
N LYS A 239 -10.27 -0.15 -20.30
CA LYS A 239 -10.79 -1.29 -19.55
C LYS A 239 -9.70 -2.12 -18.90
N ASN A 240 -8.43 -1.86 -19.18
CA ASN A 240 -7.33 -2.65 -18.64
C ASN A 240 -6.80 -2.11 -17.31
N VAL A 241 -7.31 -0.98 -16.86
CA VAL A 241 -6.77 -0.29 -15.69
C VAL A 241 -7.50 -0.76 -14.43
N GLY A 242 -6.78 -1.33 -13.48
CA GLY A 242 -7.35 -1.56 -12.17
C GLY A 242 -7.49 -0.26 -11.37
N ILE A 243 -8.49 -0.22 -10.50
CA ILE A 243 -8.86 1.01 -9.81
C ILE A 243 -8.91 0.77 -8.32
N ILE A 244 -8.29 1.66 -7.55
CA ILE A 244 -8.41 1.65 -6.09
C ILE A 244 -8.99 2.97 -5.64
N CYS A 245 -10.08 2.90 -4.87
CA CYS A 245 -10.70 4.09 -4.28
C CYS A 245 -10.59 4.00 -2.76
N THR A 246 -9.77 4.87 -2.18
CA THR A 246 -9.67 4.95 -0.72
C THR A 246 -10.78 5.81 -0.15
N LEU A 247 -11.30 5.42 1.01
CA LEU A 247 -12.45 6.08 1.60
C LEU A 247 -12.17 6.56 3.02
N GLY A 248 -10.93 6.94 3.31
CA GLY A 248 -10.62 7.41 4.65
C GLY A 248 -10.96 6.38 5.71
N ALA A 249 -11.65 6.83 6.74
CA ALA A 249 -11.93 5.96 7.88
C ALA A 249 -12.83 4.79 7.52
N LYS A 250 -13.51 4.84 6.37
CA LYS A 250 -14.40 3.75 5.98
C LYS A 250 -13.68 2.61 5.30
N GLY A 251 -12.42 2.80 4.90
CA GLY A 251 -11.67 1.72 4.26
C GLY A 251 -11.34 1.98 2.81
N ILE A 252 -11.31 0.92 1.99
CA ILE A 252 -10.92 1.02 0.59
C ILE A 252 -11.86 0.20 -0.27
N LEU A 253 -11.91 0.56 -1.54
CA LEU A 253 -12.56 -0.23 -2.58
C LEU A 253 -11.50 -0.61 -3.61
N CYS A 254 -11.54 -1.85 -4.08
CA CYS A 254 -10.59 -2.33 -5.05
CA CYS A 254 -10.58 -2.36 -5.04
C CYS A 254 -11.33 -2.94 -6.23
N TYR A 255 -10.85 -2.65 -7.44
CA TYR A 255 -11.43 -3.21 -8.65
C TYR A 255 -10.34 -3.75 -9.55
N GLU A 256 -10.31 -5.07 -9.71
CA GLU A 256 -9.53 -5.70 -10.77
C GLU A 256 -10.38 -5.80 -12.03
N PRO A 257 -9.81 -5.48 -13.19
CA PRO A 257 -10.59 -5.52 -14.43
C PRO A 257 -11.35 -6.82 -14.60
N GLY A 258 -12.65 -6.70 -14.89
CA GLY A 258 -13.53 -7.81 -15.12
C GLY A 258 -13.99 -8.58 -13.90
N LYS A 259 -13.57 -8.20 -12.70
CA LYS A 259 -13.97 -8.89 -11.49
C LYS A 259 -15.03 -8.08 -10.76
N GLU A 260 -15.25 -8.38 -9.48
CA GLU A 260 -16.18 -7.60 -8.68
C GLU A 260 -15.41 -6.56 -7.86
N VAL A 261 -16.11 -5.48 -7.52
CA VAL A 261 -15.51 -4.47 -6.66
C VAL A 261 -15.42 -5.04 -5.26
N GLY A 262 -14.22 -5.01 -4.69
CA GLY A 262 -13.98 -5.53 -3.37
C GLY A 262 -13.84 -4.40 -2.36
N TYR A 263 -14.41 -4.61 -1.19
CA TYR A 263 -14.39 -3.64 -0.11
C TYR A 263 -13.59 -4.21 1.05
N LEU A 264 -12.64 -3.44 1.56
CA LEU A 264 -11.97 -3.79 2.80
C LEU A 264 -12.08 -2.64 3.78
N PRO A 265 -12.41 -2.90 5.04
CA PRO A 265 -12.51 -1.82 6.03
C PRO A 265 -11.14 -1.42 6.55
N ALA A 266 -11.08 -0.20 7.07
CA ALA A 266 -9.86 0.31 7.69
C ALA A 266 -9.47 -0.57 8.87
N ALA A 267 -8.17 -0.61 9.14
CA ALA A 267 -7.69 -1.40 10.26
C ALA A 267 -8.18 -0.77 11.56
N LYS A 268 -8.57 -1.62 12.51
CA LYS A 268 -8.93 -1.09 13.82
C LYS A 268 -7.67 -0.49 14.43
N LEU A 269 -7.81 0.68 15.04
CA LEU A 269 -6.66 1.35 15.61
C LEU A 269 -6.34 0.80 17.00
N GLN A 270 -5.05 0.83 17.34
CA GLN A 270 -4.57 0.45 18.66
C GLN A 270 -4.16 1.64 19.52
N ASN A 271 -4.29 2.85 18.99
CA ASN A 271 -4.05 4.10 19.69
C ASN A 271 -4.97 5.14 19.09
N PRO A 272 -5.19 6.26 19.77
CA PRO A 272 -6.04 7.31 19.18
C PRO A 272 -5.46 7.83 17.87
N VAL A 273 -6.33 8.51 17.12
CA VAL A 273 -5.89 9.23 15.93
C VAL A 273 -5.02 10.41 16.34
N LYS A 274 -3.81 10.47 15.80
CA LYS A 274 -2.98 11.66 16.02
C LYS A 274 -3.00 12.59 14.82
N ASP A 275 -2.93 12.05 13.60
CA ASP A 275 -2.84 12.85 12.38
C ASP A 275 -3.08 11.98 11.15
N THR A 276 -4.05 12.33 10.31
CA THR A 276 -4.33 11.53 9.12
C THR A 276 -3.60 12.03 7.88
N THR A 277 -2.77 13.06 8.00
CA THR A 277 -2.01 13.54 6.85
C THR A 277 -1.05 12.44 6.38
N GLY A 278 -0.93 12.30 5.08
CA GLY A 278 -0.03 11.30 4.54
C GLY A 278 -0.57 9.88 4.51
N ALA A 279 -1.82 9.65 4.94
CA ALA A 279 -2.34 8.28 4.89
C ALA A 279 -2.52 7.81 3.46
N GLY A 280 -3.00 8.68 2.57
CA GLY A 280 -3.14 8.30 1.17
C GLY A 280 -1.80 8.00 0.53
N ASP A 281 -0.79 8.83 0.80
CA ASP A 281 0.53 8.56 0.28
C ASP A 281 1.16 7.32 0.91
N CYS A 282 0.96 7.12 2.20
CA CYS A 282 1.40 5.88 2.83
C CYS A 282 0.77 4.68 2.12
N PHE A 283 -0.51 4.81 1.75
CA PHE A 283 -1.19 3.71 1.06
C PHE A 283 -0.58 3.45 -0.32
N ALA A 284 -0.45 4.51 -1.13
CA ALA A 284 0.07 4.36 -2.48
C ALA A 284 1.44 3.67 -2.46
N GLY A 285 2.35 4.13 -1.60
CA GLY A 285 3.68 3.54 -1.56
C GLY A 285 3.65 2.09 -1.11
N TYR A 286 2.87 1.80 -0.07
CA TYR A 286 2.76 0.41 0.38
C TYR A 286 2.12 -0.46 -0.67
N PHE A 287 1.19 0.09 -1.44
CA PHE A 287 0.54 -0.69 -2.48
C PHE A 287 1.54 -1.09 -3.57
N VAL A 288 2.29 -0.11 -4.09
CA VAL A 288 3.30 -0.41 -5.10
C VAL A 288 4.31 -1.42 -4.55
N ALA A 289 4.74 -1.27 -3.31
CA ALA A 289 5.70 -2.23 -2.79
C ALA A 289 5.09 -3.61 -2.69
N GLY A 290 3.79 -3.68 -2.36
CA GLY A 290 3.11 -4.97 -2.31
C GLY A 290 3.08 -5.64 -3.66
N LEU A 291 2.75 -4.86 -4.71
CA LEU A 291 2.88 -5.34 -6.07
C LEU A 291 4.30 -5.82 -6.36
N MET A 292 5.29 -5.05 -5.91
CA MET A 292 6.68 -5.38 -6.23
C MET A 292 7.13 -6.68 -5.59
N SER A 293 6.58 -7.02 -4.43
CA SER A 293 6.96 -8.26 -3.76
C SER A 293 6.33 -9.50 -4.40
N GLY A 294 5.41 -9.33 -5.35
CA GLY A 294 4.70 -10.49 -5.85
C GLY A 294 3.67 -11.05 -4.90
N LYS A 295 3.27 -10.28 -3.89
CA LYS A 295 2.19 -10.73 -3.04
C LYS A 295 0.89 -10.78 -3.84
N SER A 296 -0.06 -11.55 -3.34
CA SER A 296 -1.40 -11.49 -3.90
C SER A 296 -1.96 -10.10 -3.68
N LEU A 297 -2.98 -9.75 -4.48
CA LEU A 297 -3.57 -8.43 -4.36
C LEU A 297 -4.24 -8.23 -3.00
N GLN A 298 -4.93 -9.25 -2.49
CA GLN A 298 -5.58 -9.12 -1.19
C GLN A 298 -4.55 -8.95 -0.08
N ASP A 299 -3.42 -9.65 -0.15
CA ASP A 299 -2.38 -9.47 0.86
C ASP A 299 -1.72 -8.11 0.75
N ALA A 300 -1.55 -7.60 -0.47
CA ALA A 300 -1.03 -6.24 -0.64
C ALA A 300 -1.95 -5.23 0.05
N LEU A 301 -3.25 -5.32 -0.24
CA LEU A 301 -4.19 -4.39 0.35
C LEU A 301 -4.25 -4.55 1.87
N LYS A 302 -4.26 -5.79 2.36
CA LYS A 302 -4.33 -5.98 3.80
C LYS A 302 -3.12 -5.39 4.50
N THR A 303 -1.94 -5.52 3.89
CA THR A 303 -0.74 -4.89 4.45
C THR A 303 -0.86 -3.37 4.39
N CYS A 304 -1.37 -2.83 3.28
CA CYS A 304 -1.60 -1.39 3.16
C CYS A 304 -2.46 -0.86 4.29
N LEU A 305 -3.55 -1.57 4.60
CA LEU A 305 -4.48 -1.07 5.61
C LEU A 305 -3.83 -1.05 6.98
N VAL A 306 -3.09 -2.11 7.33
CA VAL A 306 -2.41 -2.13 8.63
C VAL A 306 -1.35 -1.04 8.68
N ALA A 307 -0.62 -0.84 7.58
CA ALA A 307 0.36 0.24 7.56
C ALA A 307 -0.32 1.58 7.79
N CYS A 308 -1.47 1.81 7.15
CA CYS A 308 -2.15 3.10 7.28
C CYS A 308 -2.77 3.29 8.66
N GLY A 309 -3.20 2.20 9.31
CA GLY A 309 -3.66 2.32 10.67
C GLY A 309 -2.56 2.85 11.57
N ILE A 310 -1.35 2.30 11.45
CA ILE A 310 -0.21 2.83 12.19
C ILE A 310 0.02 4.28 11.82
N CYS A 311 -0.09 4.60 10.53
CA CYS A 311 0.23 5.94 10.04
C CYS A 311 -0.59 7.02 10.76
N VAL A 312 -1.89 6.81 10.93
CA VAL A 312 -2.75 7.85 11.49
C VAL A 312 -2.65 7.94 13.01
N GLU A 313 -1.99 6.97 13.64
CA GLU A 313 -1.71 7.01 15.06
C GLU A 313 -0.49 7.87 15.37
N ASN A 314 0.20 8.37 14.36
CA ASN A 314 1.44 9.09 14.57
C ASN A 314 1.42 10.42 13.83
N GLU A 315 2.28 11.32 14.29
CA GLU A 315 2.31 12.67 13.76
C GLU A 315 3.19 12.71 12.52
N GLY A 316 2.80 13.54 11.55
CA GLY A 316 3.62 13.79 10.39
C GLY A 316 3.25 12.91 9.22
N ALA A 317 3.83 13.25 8.06
CA ALA A 317 3.59 12.50 6.82
C ALA A 317 4.57 11.35 6.69
N MET A 318 5.83 11.63 6.32
CA MET A 318 6.81 10.56 6.20
C MET A 318 7.11 9.92 7.55
N GLU A 319 7.30 10.74 8.59
CA GLU A 319 7.72 10.19 9.87
C GLU A 319 6.69 9.25 10.48
N SER A 320 5.43 9.31 10.06
CA SER A 320 4.47 8.39 10.61
C SER A 320 4.40 7.07 9.84
N VAL A 321 5.01 6.99 8.66
CA VAL A 321 4.98 5.77 7.83
C VAL A 321 5.77 4.66 8.52
N PRO A 322 5.15 3.52 8.80
CA PRO A 322 5.85 2.47 9.53
C PRO A 322 6.77 1.66 8.63
N THR A 323 7.80 1.09 9.25
CA THR A 323 8.61 0.12 8.55
C THR A 323 7.83 -1.18 8.36
N LEU A 324 8.28 -1.98 7.40
CA LEU A 324 7.66 -3.27 7.17
C LEU A 324 7.63 -4.12 8.42
N ASN A 325 8.73 -4.12 9.21
CA ASN A 325 8.74 -4.91 10.44
C ASN A 325 7.68 -4.44 11.43
N ALA A 326 7.52 -3.12 11.57
CA ALA A 326 6.47 -2.60 12.44
C ALA A 326 5.10 -3.06 12.00
N VAL A 327 4.85 -3.10 10.70
CA VAL A 327 3.58 -3.60 10.17
C VAL A 327 3.43 -5.08 10.44
N LYS A 328 4.52 -5.84 10.30
CA LYS A 328 4.43 -7.28 10.50
C LYS A 328 4.04 -7.62 11.93
N GLU A 329 4.48 -6.82 12.90
CA GLU A 329 4.13 -7.06 14.30
C GLU A 329 2.63 -7.04 14.52
N ARG A 330 1.89 -6.26 13.73
CA ARG A 330 0.43 -6.20 13.86
C ARG A 330 -0.28 -7.32 13.11
N LEU A 331 0.34 -7.93 12.10
CA LEU A 331 -0.35 -8.89 11.24
C LEU A 331 -0.50 -10.31 11.83
N SER B 12 -18.18 -27.28 -44.39
CA SER B 12 -17.98 -26.19 -43.43
C SER B 12 -17.31 -26.69 -42.15
N SER B 13 -16.29 -25.96 -41.71
CA SER B 13 -15.41 -26.46 -40.66
C SER B 13 -16.10 -26.47 -39.30
N ARG B 14 -15.92 -27.57 -38.57
CA ARG B 14 -16.49 -27.76 -37.25
C ARG B 14 -15.56 -28.66 -36.46
N CYS B 15 -15.30 -28.30 -35.21
CA CYS B 15 -14.36 -29.04 -34.39
C CYS B 15 -15.09 -29.77 -33.27
N LEU B 16 -14.70 -31.03 -33.04
CA LEU B 16 -15.11 -31.79 -31.87
C LEU B 16 -13.92 -31.89 -30.92
N VAL B 17 -14.10 -31.42 -29.68
CA VAL B 17 -13.10 -31.60 -28.64
C VAL B 17 -13.56 -32.73 -27.74
N ARG B 18 -12.77 -33.79 -27.67
CA ARG B 18 -13.02 -34.88 -26.73
C ARG B 18 -12.01 -34.73 -25.60
N GLY B 19 -12.47 -34.29 -24.43
CA GLY B 19 -11.52 -33.96 -23.40
C GLY B 19 -12.15 -33.60 -22.07
N SER B 20 -11.32 -33.01 -21.23
CA SER B 20 -11.60 -32.87 -19.81
C SER B 20 -12.20 -31.53 -19.47
N VAL B 21 -12.93 -31.50 -18.37
CA VAL B 21 -13.32 -30.26 -17.69
C VAL B 21 -12.82 -30.36 -16.26
N ASN B 22 -12.12 -29.33 -15.80
CA ASN B 22 -11.58 -29.31 -14.44
C ASN B 22 -12.05 -28.05 -13.71
N ILE B 23 -12.23 -28.18 -12.40
CA ILE B 23 -12.23 -27.04 -11.49
C ILE B 23 -10.81 -26.91 -10.93
N ASP B 24 -10.10 -25.84 -11.28
CA ASP B 24 -8.70 -25.62 -10.90
C ASP B 24 -8.61 -24.90 -9.55
N GLU B 25 -7.76 -25.40 -8.66
CA GLU B 25 -7.42 -24.72 -7.42
C GLU B 25 -5.94 -24.37 -7.44
N PHE B 26 -5.63 -23.06 -7.51
CA PHE B 26 -4.26 -22.56 -7.50
C PHE B 26 -3.84 -22.19 -6.07
N PHE B 27 -2.89 -22.93 -5.52
CA PHE B 27 -2.27 -22.64 -4.24
C PHE B 27 -0.96 -21.90 -4.48
N HIS B 28 -0.89 -20.66 -4.02
CA HIS B 28 0.33 -19.87 -4.11
C HIS B 28 1.23 -20.19 -2.92
N LEU B 29 2.43 -20.69 -3.21
CA LEU B 29 3.41 -21.21 -2.27
C LEU B 29 4.79 -20.61 -2.50
N PRO B 30 5.63 -20.56 -1.47
CA PRO B 30 7.04 -20.19 -1.71
C PRO B 30 7.72 -21.13 -2.71
N HIS B 31 7.56 -22.44 -2.53
CA HIS B 31 8.18 -23.41 -3.42
C HIS B 31 7.27 -24.63 -3.50
N ILE B 32 7.51 -25.46 -4.51
CA ILE B 32 6.77 -26.71 -4.63
C ILE B 32 7.03 -27.56 -3.40
N VAL B 33 5.97 -28.13 -2.83
CA VAL B 33 6.17 -28.89 -1.60
C VAL B 33 7.02 -30.12 -1.92
N ARG B 34 8.07 -30.35 -1.08
CA ARG B 34 9.03 -31.43 -1.15
C ARG B 34 8.56 -32.61 -0.30
N PRO B 35 8.89 -33.84 -0.69
CA PRO B 35 8.41 -35.01 0.04
C PRO B 35 8.81 -34.96 1.52
N GLY B 36 7.81 -35.20 2.40
CA GLY B 36 7.98 -35.13 3.83
C GLY B 36 7.71 -33.77 4.45
N GLU B 37 7.55 -32.74 3.64
CA GLU B 37 7.41 -31.35 4.07
C GLU B 37 5.95 -30.92 4.19
N THR B 38 5.70 -30.03 5.13
CA THR B 38 4.46 -29.27 5.22
C THR B 38 4.78 -27.81 4.97
N ILE B 39 3.92 -27.14 4.20
CA ILE B 39 4.15 -25.76 3.82
C ILE B 39 2.80 -25.07 3.75
N SER B 40 2.80 -23.78 4.03
CA SER B 40 1.57 -22.99 4.06
C SER B 40 1.46 -22.20 2.75
N SER B 41 0.30 -22.27 2.12
CA SER B 41 0.06 -21.43 0.95
C SER B 41 -0.11 -19.98 1.38
N THR B 42 0.16 -19.06 0.44
CA THR B 42 -0.06 -17.64 0.67
C THR B 42 -1.35 -17.10 0.04
N GLY B 43 -2.05 -17.91 -0.74
CA GLY B 43 -3.30 -17.51 -1.35
C GLY B 43 -3.88 -18.69 -2.10
N LEU B 44 -5.19 -18.59 -2.36
CA LEU B 44 -5.93 -19.68 -3.00
C LEU B 44 -6.90 -19.11 -4.02
N THR B 45 -6.87 -19.68 -5.23
CA THR B 45 -7.71 -19.29 -6.37
C THR B 45 -8.47 -20.48 -6.93
N LYS B 46 -9.77 -20.30 -7.18
CA LYS B 46 -10.60 -21.32 -7.79
C LYS B 46 -11.06 -20.83 -9.17
N ARG B 47 -10.84 -21.66 -10.20
CA ARG B 47 -11.16 -21.23 -11.55
C ARG B 47 -11.52 -22.42 -12.43
N ALA B 48 -12.26 -22.12 -13.50
CA ALA B 48 -12.56 -23.12 -14.52
C ALA B 48 -11.31 -23.51 -15.29
N GLY B 49 -11.19 -24.77 -15.60
CA GLY B 49 -10.03 -25.26 -16.32
C GLY B 49 -10.28 -26.56 -16.99
N GLY B 50 -9.21 -27.34 -17.15
CA GLY B 50 -9.26 -28.58 -17.90
C GLY B 50 -8.80 -28.35 -19.32
N LYS B 51 -7.94 -29.23 -19.83
CA LYS B 51 -7.43 -29.12 -21.19
C LYS B 51 -8.56 -29.07 -22.22
N GLY B 52 -9.55 -29.94 -22.07
CA GLY B 52 -10.63 -29.96 -23.06
C GLY B 52 -11.43 -28.69 -23.07
N ALA B 53 -11.93 -28.28 -21.90
CA ALA B 53 -12.73 -27.06 -21.82
C ALA B 53 -11.92 -25.84 -22.23
N ASN B 54 -10.66 -25.74 -21.78
CA ASN B 54 -9.83 -24.60 -22.14
C ASN B 54 -9.64 -24.53 -23.65
N GLN B 55 -9.27 -25.66 -24.26
CA GLN B 55 -9.05 -25.64 -25.70
C GLN B 55 -10.36 -25.43 -26.45
N ALA B 56 -11.44 -26.08 -25.99
CA ALA B 56 -12.73 -25.85 -26.63
C ALA B 56 -13.14 -24.40 -26.52
N PHE B 57 -12.99 -23.80 -25.34
CA PHE B 57 -13.28 -22.39 -25.14
C PHE B 57 -12.48 -21.52 -26.11
N ALA B 58 -11.18 -21.83 -26.27
CA ALA B 58 -10.34 -21.02 -27.13
C ALA B 58 -10.75 -21.12 -28.60
N VAL B 59 -11.09 -22.34 -29.09
CA VAL B 59 -11.58 -22.48 -30.45
C VAL B 59 -12.78 -21.58 -30.67
N ALA B 60 -13.73 -21.59 -29.72
CA ALA B 60 -14.92 -20.77 -29.84
C ALA B 60 -14.58 -19.28 -29.84
N ARG B 61 -13.74 -18.83 -28.89
CA ARG B 61 -13.34 -17.42 -28.84
C ARG B 61 -12.69 -16.98 -30.16
N ALA B 62 -11.95 -17.88 -30.81
CA ALA B 62 -11.27 -17.58 -32.06
C ALA B 62 -12.21 -17.58 -33.26
N GLY B 63 -13.47 -17.91 -33.06
CA GLY B 63 -14.46 -17.86 -34.12
C GLY B 63 -14.75 -19.18 -34.79
N GLY B 64 -14.25 -20.29 -34.27
CA GLY B 64 -14.54 -21.58 -34.84
C GLY B 64 -15.75 -22.21 -34.18
N GLN B 65 -16.45 -23.03 -34.96
CA GLN B 65 -17.55 -23.83 -34.44
C GLN B 65 -16.97 -25.03 -33.71
N VAL B 66 -17.40 -25.25 -32.47
CA VAL B 66 -16.76 -26.26 -31.64
C VAL B 66 -17.79 -26.91 -30.73
N GLU B 67 -17.56 -28.17 -30.42
CA GLU B 67 -18.36 -28.92 -29.47
C GLU B 67 -17.45 -29.69 -28.52
N LEU B 68 -17.80 -29.70 -27.24
CA LEU B 68 -17.01 -30.39 -26.23
C LEU B 68 -17.71 -31.70 -25.90
N ASP B 69 -16.97 -32.79 -25.94
CA ASP B 69 -17.53 -34.10 -25.62
C ASP B 69 -16.81 -34.58 -24.36
N GLY B 70 -17.57 -34.68 -23.27
CA GLY B 70 -17.00 -35.01 -21.98
C GLY B 70 -18.06 -35.08 -20.92
N ALA B 71 -17.62 -35.00 -19.66
CA ALA B 71 -18.56 -35.12 -18.54
C ALA B 71 -18.12 -34.27 -17.35
N ILE B 72 -19.10 -33.71 -16.64
CA ILE B 72 -18.88 -33.00 -15.38
C ILE B 72 -19.77 -33.63 -14.33
N GLY B 73 -19.58 -33.19 -13.07
CA GLY B 73 -20.53 -33.43 -12.02
C GLY B 73 -21.44 -32.22 -11.89
N ASP B 74 -22.50 -32.33 -11.10
CA ASP B 74 -23.39 -31.17 -11.00
C ASP B 74 -22.68 -29.99 -10.35
N ASP B 75 -21.62 -30.22 -9.58
CA ASP B 75 -20.87 -29.08 -9.04
C ASP B 75 -20.15 -28.29 -10.12
N GLY B 76 -20.17 -28.74 -11.38
CA GLY B 76 -19.46 -28.06 -12.46
C GLY B 76 -20.32 -27.31 -13.44
N ILE B 77 -21.62 -27.17 -13.19
CA ILE B 77 -22.52 -26.55 -14.17
C ILE B 77 -22.10 -25.13 -14.51
N TRP B 78 -21.47 -24.42 -13.55
CA TRP B 78 -21.01 -23.05 -13.82
C TRP B 78 -19.90 -23.04 -14.85
N VAL B 79 -19.08 -24.09 -14.92
CA VAL B 79 -18.12 -24.19 -16.01
C VAL B 79 -18.82 -24.44 -17.35
N LYS B 80 -19.80 -25.36 -17.36
CA LYS B 80 -20.58 -25.59 -18.57
C LYS B 80 -21.18 -24.30 -19.09
N GLU B 81 -21.65 -23.44 -18.17
CA GLU B 81 -22.28 -22.18 -18.55
C GLU B 81 -21.26 -21.18 -19.09
N MET B 82 -20.04 -21.18 -18.56
CA MET B 82 -18.96 -20.39 -19.18
C MET B 82 -18.68 -20.87 -20.61
N LEU B 83 -18.69 -22.19 -20.84
CA LEU B 83 -18.46 -22.67 -22.19
C LEU B 83 -19.59 -22.25 -23.13
N GLU B 84 -20.84 -22.40 -22.68
CA GLU B 84 -21.97 -21.98 -23.51
C GLU B 84 -21.90 -20.49 -23.84
N SER B 85 -21.57 -19.66 -22.85
CA SER B 85 -21.48 -18.23 -23.09
C SER B 85 -20.46 -17.90 -24.18
N ALA B 86 -19.42 -18.71 -24.33
CA ALA B 86 -18.44 -18.50 -25.39
C ALA B 86 -18.88 -19.08 -26.72
N GLY B 87 -19.99 -19.80 -26.75
CA GLY B 87 -20.43 -20.43 -27.97
C GLY B 87 -20.00 -21.86 -28.15
N VAL B 88 -19.41 -22.47 -27.12
CA VAL B 88 -19.08 -23.88 -27.18
C VAL B 88 -20.35 -24.70 -27.04
N GLY B 89 -20.55 -25.65 -27.97
CA GLY B 89 -21.68 -26.55 -27.87
C GLY B 89 -21.48 -27.57 -26.77
N THR B 90 -22.51 -27.78 -25.96
CA THR B 90 -22.41 -28.65 -24.80
C THR B 90 -23.43 -29.80 -24.83
N ASP B 91 -23.99 -30.10 -26.00
CA ASP B 91 -24.94 -31.20 -26.07
C ASP B 91 -24.29 -32.52 -25.66
N LYS B 92 -23.00 -32.70 -25.94
CA LYS B 92 -22.30 -33.91 -25.58
C LYS B 92 -21.50 -33.80 -24.28
N LEU B 93 -21.73 -32.74 -23.49
CA LEU B 93 -21.15 -32.64 -22.15
C LEU B 93 -22.15 -33.17 -21.15
N LYS B 94 -21.94 -34.39 -20.68
CA LYS B 94 -22.87 -35.02 -19.74
C LYS B 94 -22.67 -34.50 -18.32
N ILE B 95 -23.77 -34.47 -17.57
CA ILE B 95 -23.74 -34.18 -16.15
C ILE B 95 -24.07 -35.48 -15.43
N VAL B 96 -23.07 -36.12 -14.84
CA VAL B 96 -23.23 -37.47 -14.33
C VAL B 96 -23.66 -37.42 -12.87
N LYS B 97 -24.82 -38.02 -12.60
CA LYS B 97 -25.32 -38.11 -11.24
C LYS B 97 -24.30 -38.82 -10.37
N ASP B 98 -24.26 -38.43 -9.09
CA ASP B 98 -23.44 -39.08 -8.08
C ASP B 98 -21.95 -39.01 -8.40
N GLU B 99 -21.55 -37.95 -9.09
CA GLU B 99 -20.18 -37.78 -9.57
C GLU B 99 -19.77 -36.32 -9.42
N VAL B 100 -18.48 -36.08 -9.25
CA VAL B 100 -17.98 -34.73 -9.08
C VAL B 100 -17.12 -34.36 -10.30
N THR B 101 -17.16 -33.08 -10.64
CA THR B 101 -16.29 -32.54 -11.68
C THR B 101 -14.82 -32.82 -11.35
N GLY B 102 -14.03 -33.05 -12.39
CA GLY B 102 -12.62 -33.25 -12.19
C GLY B 102 -11.95 -32.01 -11.60
N ARG B 103 -10.84 -32.25 -10.89
CA ARG B 103 -10.14 -31.18 -10.21
C ARG B 103 -8.66 -31.26 -10.54
N ALA B 104 -8.04 -30.08 -10.59
CA ALA B 104 -6.60 -29.92 -10.63
C ALA B 104 -6.20 -29.10 -9.40
N VAL B 105 -5.34 -29.67 -8.57
CA VAL B 105 -4.72 -28.92 -7.48
C VAL B 105 -3.38 -28.46 -7.99
N ILE B 106 -3.21 -27.15 -8.13
CA ILE B 106 -2.01 -26.58 -8.74
C ILE B 106 -1.22 -25.82 -7.68
N GLN B 107 0.03 -26.23 -7.46
CA GLN B 107 0.97 -25.47 -6.66
C GLN B 107 1.68 -24.48 -7.58
N SER B 108 1.46 -23.19 -7.34
CA SER B 108 2.08 -22.13 -8.12
C SER B 108 3.18 -21.49 -7.25
N ALA B 109 4.43 -21.85 -7.54
CA ALA B 109 5.56 -21.47 -6.71
C ALA B 109 6.05 -20.07 -7.06
N ALA B 110 6.73 -19.44 -6.11
CA ALA B 110 7.29 -18.10 -6.33
C ALA B 110 8.36 -18.11 -7.42
N ASP B 111 9.07 -19.23 -7.58
CA ASP B 111 9.93 -19.43 -8.75
C ASP B 111 9.20 -19.04 -10.04
N GLY B 112 8.03 -19.61 -10.25
CA GLY B 112 7.34 -19.50 -11.51
C GLY B 112 6.87 -20.90 -11.85
N GLU B 113 7.55 -21.86 -11.25
CA GLU B 113 7.25 -23.27 -11.48
C GLU B 113 5.85 -23.63 -11.00
N ASN B 114 5.22 -24.53 -11.73
CA ASN B 114 3.91 -25.07 -11.40
C ASN B 114 4.00 -26.58 -11.29
N SER B 115 3.16 -27.15 -10.44
CA SER B 115 3.01 -28.60 -10.32
C SER B 115 1.53 -28.89 -10.19
N ILE B 116 1.04 -29.92 -10.86
CA ILE B 116 -0.39 -30.15 -10.96
C ILE B 116 -0.69 -31.57 -10.54
N VAL B 117 -1.67 -31.74 -9.66
CA VAL B 117 -2.22 -33.05 -9.31
C VAL B 117 -3.65 -33.06 -9.84
N LEU B 118 -3.96 -34.08 -10.64
CA LEU B 118 -5.28 -34.23 -11.21
C LEU B 118 -6.09 -35.22 -10.38
N HIS B 119 -7.37 -34.94 -10.23
CA HIS B 119 -8.32 -35.94 -9.80
C HIS B 119 -9.33 -36.09 -10.92
N ALA B 120 -9.40 -37.28 -11.51
CA ALA B 120 -10.18 -37.49 -12.75
C ALA B 120 -11.62 -37.08 -12.57
N GLY B 121 -12.27 -37.54 -11.50
CA GLY B 121 -13.68 -37.28 -11.31
C GLY B 121 -14.50 -37.72 -12.50
N ALA B 122 -15.42 -36.86 -12.94
CA ALA B 122 -16.28 -37.17 -14.06
C ALA B 122 -15.53 -37.32 -15.38
N ASN B 123 -14.31 -36.79 -15.48
CA ASN B 123 -13.55 -36.87 -16.72
C ASN B 123 -13.29 -38.31 -17.14
N TYR B 124 -13.31 -39.24 -16.18
CA TYR B 124 -13.10 -40.65 -16.43
C TYR B 124 -14.41 -41.44 -16.42
N TYR B 125 -15.55 -40.75 -16.50
CA TYR B 125 -16.82 -41.44 -16.69
C TYR B 125 -16.75 -42.20 -18.01
N LEU B 126 -16.84 -43.53 -17.93
CA LEU B 126 -16.77 -44.37 -19.11
C LEU B 126 -17.90 -45.38 -19.12
N PRO B 127 -18.93 -45.17 -19.93
CA PRO B 127 -19.93 -46.23 -20.10
C PRO B 127 -19.31 -47.42 -20.81
N SER B 128 -20.04 -48.52 -20.83
CA SER B 128 -19.64 -49.66 -21.63
C SER B 128 -19.34 -49.21 -23.06
N PRO B 129 -18.28 -49.72 -23.69
CA PRO B 129 -17.96 -49.29 -25.05
C PRO B 129 -19.12 -49.54 -26.00
N THR B 130 -19.44 -48.52 -26.79
CA THR B 130 -20.41 -48.59 -27.87
C THR B 130 -19.84 -47.77 -29.02
N PRO B 131 -20.22 -48.09 -30.26
CA PRO B 131 -19.72 -47.32 -31.41
C PRO B 131 -19.75 -45.81 -31.21
N THR B 132 -18.61 -45.18 -31.49
CA THR B 132 -18.43 -43.76 -31.22
C THR B 132 -19.42 -42.93 -32.03
N THR B 133 -19.86 -41.82 -31.43
CA THR B 133 -20.77 -40.88 -32.10
C THR B 133 -20.33 -40.61 -33.53
N SER B 134 -21.33 -40.43 -34.40
CA SER B 134 -21.02 -40.09 -35.77
C SER B 134 -20.18 -38.84 -35.79
N LEU B 135 -19.12 -38.85 -36.60
CA LEU B 135 -18.26 -37.69 -36.73
C LEU B 135 -18.57 -36.94 -38.00
N ALA B 136 -19.78 -37.16 -38.54
CA ALA B 136 -20.11 -36.76 -39.91
C ALA B 136 -20.08 -35.24 -40.07
N THR B 137 -20.49 -34.51 -39.04
CA THR B 137 -20.58 -33.06 -39.11
C THR B 137 -19.29 -32.36 -38.69
N TYR B 138 -18.22 -33.10 -38.37
CA TYR B 138 -16.99 -32.49 -37.88
C TYR B 138 -15.89 -32.63 -38.93
N THR B 139 -15.05 -31.60 -39.03
CA THR B 139 -13.86 -31.64 -39.86
C THR B 139 -12.59 -31.79 -39.05
N HIS B 140 -12.65 -31.46 -37.75
CA HIS B 140 -11.48 -31.42 -36.90
C HIS B 140 -11.79 -32.08 -35.55
N LEU B 141 -10.80 -32.82 -35.06
CA LEU B 141 -10.89 -33.54 -33.80
C LEU B 141 -9.70 -33.12 -32.97
N LEU B 142 -9.97 -32.60 -31.77
CA LEU B 142 -8.95 -32.12 -30.83
C LEU B 142 -9.05 -32.97 -29.57
N VAL B 143 -7.91 -33.50 -29.13
CA VAL B 143 -7.86 -34.46 -28.03
C VAL B 143 -6.61 -34.20 -27.19
N GLN B 144 -6.71 -34.55 -25.92
CA GLN B 144 -5.58 -34.50 -25.00
C GLN B 144 -5.50 -35.83 -24.28
N ASN B 145 -5.02 -35.85 -23.04
CA ASN B 145 -4.95 -37.12 -22.33
C ASN B 145 -5.55 -37.03 -20.93
N GLU B 146 -6.52 -36.14 -20.72
CA GLU B 146 -7.09 -35.99 -19.39
C GLU B 146 -8.39 -36.78 -19.22
N VAL B 147 -8.75 -37.60 -20.21
CA VAL B 147 -9.86 -38.54 -20.12
C VAL B 147 -9.30 -39.95 -20.33
N PRO B 148 -10.08 -41.03 -20.19
CA PRO B 148 -9.49 -42.36 -20.39
C PRO B 148 -8.92 -42.52 -21.79
N LEU B 149 -7.71 -43.10 -21.86
CA LEU B 149 -7.00 -43.22 -23.13
C LEU B 149 -7.77 -44.05 -24.14
N SER B 150 -8.48 -45.09 -23.67
CA SER B 150 -9.32 -45.89 -24.57
C SER B 150 -10.36 -45.02 -25.26
N SER B 151 -10.91 -44.03 -24.54
CA SER B 151 -11.88 -43.12 -25.16
C SER B 151 -11.21 -42.26 -26.23
N THR B 152 -10.09 -41.61 -25.89
CA THR B 152 -9.33 -40.83 -26.87
C THR B 152 -8.97 -41.69 -28.10
N LEU B 153 -8.52 -42.93 -27.88
CA LEU B 153 -8.13 -43.77 -29.02
C LEU B 153 -9.33 -44.06 -29.92
N ALA B 154 -10.50 -44.34 -29.33
CA ALA B 154 -11.69 -44.62 -30.14
C ALA B 154 -12.10 -43.41 -30.97
N TYR B 155 -11.99 -42.20 -30.40
CA TYR B 155 -12.30 -41.00 -31.17
C TYR B 155 -11.28 -40.79 -32.28
N LEU B 156 -10.00 -41.04 -31.99
CA LEU B 156 -8.96 -40.90 -33.01
CA LEU B 156 -8.95 -40.91 -33.00
C LEU B 156 -9.12 -41.94 -34.10
N THR B 157 -9.48 -43.17 -33.73
CA THR B 157 -9.70 -44.21 -34.72
C THR B 157 -10.87 -43.86 -35.63
N ALA B 158 -11.96 -43.36 -35.05
CA ALA B 158 -13.13 -43.01 -35.85
C ALA B 158 -12.83 -41.83 -36.77
N ALA B 159 -12.08 -40.85 -36.27
CA ALA B 159 -11.65 -39.75 -37.12
C ALA B 159 -10.80 -40.25 -38.28
N GLY B 160 -9.83 -41.12 -37.99
CA GLY B 160 -8.91 -41.57 -39.01
C GLY B 160 -9.54 -42.50 -40.02
N GLN B 161 -10.62 -43.18 -39.63
CA GLN B 161 -11.33 -44.11 -40.49
C GLN B 161 -12.55 -43.46 -41.14
N SER B 162 -12.62 -42.14 -41.14
CA SER B 162 -13.69 -41.47 -41.84
C SER B 162 -13.28 -41.26 -43.29
N SER B 163 -14.25 -40.84 -44.10
CA SER B 163 -14.00 -40.61 -45.52
C SER B 163 -14.51 -39.23 -45.89
N PRO B 164 -13.60 -38.25 -46.07
CA PRO B 164 -12.16 -38.39 -45.84
C PRO B 164 -11.83 -38.31 -44.34
N PRO B 165 -10.60 -38.69 -43.96
CA PRO B 165 -10.21 -38.60 -42.55
C PRO B 165 -10.24 -37.17 -42.01
N LEU B 166 -10.65 -37.07 -40.75
CA LEU B 166 -10.67 -35.77 -40.08
C LEU B 166 -9.24 -35.30 -39.83
N THR B 167 -9.06 -33.98 -39.79
CA THR B 167 -7.83 -33.40 -39.26
C THR B 167 -7.87 -33.51 -37.75
N SER B 168 -6.99 -34.33 -37.17
CA SER B 168 -7.02 -34.59 -35.74
C SER B 168 -5.74 -34.07 -35.10
N VAL B 169 -5.90 -33.36 -33.97
CA VAL B 169 -4.81 -32.70 -33.25
C VAL B 169 -4.74 -33.26 -31.83
N PHE B 170 -3.52 -33.55 -31.37
CA PHE B 170 -3.29 -34.27 -30.13
C PHE B 170 -2.28 -33.50 -29.29
N ASN B 171 -2.63 -33.27 -28.03
CA ASN B 171 -1.79 -32.60 -27.04
C ASN B 171 -1.62 -33.61 -25.91
N PRO B 172 -0.51 -34.31 -25.83
CA PRO B 172 -0.40 -35.43 -24.87
C PRO B 172 -0.14 -34.96 -23.44
N SER B 173 -1.21 -34.47 -22.82
CA SER B 173 -1.14 -33.83 -21.52
C SER B 173 -2.25 -34.42 -20.66
N PRO B 174 -1.94 -35.05 -19.52
CA PRO B 174 -0.58 -35.33 -19.05
C PRO B 174 0.05 -36.44 -19.92
N MET B 175 1.36 -36.63 -19.80
CA MET B 175 2.08 -37.56 -20.66
C MET B 175 1.56 -38.99 -20.52
N LEU B 176 1.50 -39.70 -21.65
CA LEU B 176 1.16 -41.11 -21.67
C LEU B 176 2.35 -41.95 -21.20
N THR B 177 2.08 -43.19 -20.80
CA THR B 177 3.16 -44.09 -20.45
C THR B 177 3.96 -44.44 -21.71
N PRO B 178 5.24 -44.81 -21.55
CA PRO B 178 6.05 -45.18 -22.73
C PRO B 178 5.39 -46.23 -23.60
N ALA B 179 4.82 -47.28 -22.99
CA ALA B 179 4.19 -48.33 -23.78
C ALA B 179 3.05 -47.77 -24.60
N GLN B 180 2.22 -46.91 -24.00
CA GLN B 180 1.13 -46.30 -24.75
C GLN B 180 1.66 -45.47 -25.92
N LEU B 181 2.78 -44.77 -25.72
CA LEU B 181 3.32 -43.95 -26.79
C LEU B 181 3.79 -44.80 -27.97
N ARG B 182 4.34 -45.98 -27.68
CA ARG B 182 4.82 -46.85 -28.75
C ARG B 182 3.66 -47.49 -29.53
N GLU B 183 2.51 -47.67 -28.88
CA GLU B 183 1.34 -48.23 -29.54
C GLU B 183 0.38 -47.16 -30.04
N PHE B 184 0.72 -45.88 -29.87
CA PHE B 184 -0.22 -44.83 -30.26
C PHE B 184 -0.34 -44.75 -31.78
N PRO B 185 -1.56 -44.60 -32.30
CA PRO B 185 -1.76 -44.51 -33.76
C PRO B 185 -1.39 -43.12 -34.29
N TRP B 186 -0.08 -42.88 -34.38
CA TRP B 186 0.38 -41.59 -34.88
C TRP B 186 -0.03 -41.37 -36.33
N LYS B 187 -0.17 -42.45 -37.12
CA LYS B 187 -0.57 -42.29 -38.52
C LYS B 187 -1.90 -41.56 -38.64
N HIS B 188 -2.74 -41.64 -37.62
CA HIS B 188 -4.05 -41.00 -37.65
C HIS B 188 -3.98 -39.53 -37.24
N LEU B 189 -2.80 -39.00 -36.99
CA LEU B 189 -2.67 -37.66 -36.44
C LEU B 189 -2.24 -36.69 -37.54
N SER B 190 -2.90 -35.54 -37.62
CA SER B 190 -2.40 -34.46 -38.45
C SER B 190 -1.38 -33.57 -37.72
N TRP B 191 -1.64 -33.23 -36.46
CA TRP B 191 -0.81 -32.28 -35.72
C TRP B 191 -0.57 -32.79 -34.31
N LEU B 192 0.69 -32.74 -33.88
CA LEU B 192 1.07 -33.00 -32.49
C LEU B 192 1.55 -31.69 -31.89
N ILE B 193 0.90 -31.26 -30.81
CA ILE B 193 1.30 -30.05 -30.09
C ILE B 193 1.84 -30.46 -28.74
N VAL B 194 3.08 -30.03 -28.45
CA VAL B 194 3.80 -30.39 -27.24
C VAL B 194 4.62 -29.19 -26.80
N ASN B 195 5.06 -29.20 -25.54
CA ASN B 195 6.10 -28.28 -25.10
C ASN B 195 7.45 -29.00 -25.13
N GLU B 196 8.50 -28.29 -24.75
CA GLU B 196 9.83 -28.90 -24.87
C GLU B 196 9.96 -30.12 -23.97
N GLY B 197 9.34 -30.10 -22.79
CA GLY B 197 9.44 -31.23 -21.89
C GLY B 197 8.70 -32.44 -22.42
N GLU B 198 7.51 -32.24 -22.99
CA GLU B 198 6.74 -33.34 -23.55
C GLU B 198 7.42 -33.94 -24.77
N LEU B 199 8.04 -33.10 -25.60
CA LEU B 199 8.87 -33.61 -26.70
C LEU B 199 9.96 -34.54 -26.17
N GLY B 200 10.53 -34.22 -25.00
CA GLY B 200 11.54 -35.08 -24.41
C GLY B 200 10.98 -36.41 -23.94
N ASP B 201 9.73 -36.42 -23.46
CA ASP B 201 9.11 -37.67 -23.03
C ASP B 201 8.88 -38.61 -24.20
N LEU B 202 8.35 -38.08 -25.31
CA LEU B 202 8.14 -38.90 -26.50
C LEU B 202 9.46 -39.42 -27.02
N LEU B 203 10.45 -38.53 -27.15
CA LEU B 203 11.76 -38.93 -27.65
C LEU B 203 12.38 -40.00 -26.78
N LEU B 204 12.33 -39.81 -25.46
CA LEU B 204 12.89 -40.80 -24.55
C LEU B 204 12.15 -42.13 -24.66
N ALA B 205 10.82 -42.09 -24.67
CA ALA B 205 10.03 -43.31 -24.79
C ALA B 205 10.32 -44.06 -26.07
N PHE B 206 10.82 -43.37 -27.10
CA PHE B 206 11.11 -44.00 -28.38
C PHE B 206 12.59 -44.34 -28.51
N GLY B 207 13.27 -44.53 -27.38
CA GLY B 207 14.64 -45.00 -27.33
C GLY B 207 15.70 -43.96 -27.56
N SER B 208 15.35 -42.68 -27.56
CA SER B 208 16.34 -41.66 -27.86
C SER B 208 17.15 -41.32 -26.61
N SER B 209 18.32 -40.74 -26.85
CA SER B 209 19.12 -40.17 -25.77
C SER B 209 18.78 -38.71 -25.51
N ALA B 210 18.22 -38.01 -26.49
CA ALA B 210 17.95 -36.59 -26.37
C ALA B 210 16.81 -36.33 -25.40
N ASN B 211 16.93 -35.22 -24.67
CA ASN B 211 15.84 -34.72 -23.82
C ASN B 211 15.88 -33.21 -23.89
N PRO B 212 15.12 -32.61 -24.82
CA PRO B 212 15.16 -31.14 -24.97
C PRO B 212 14.63 -30.37 -23.78
N GLY B 213 13.97 -31.04 -22.82
CA GLY B 213 13.46 -30.34 -21.66
C GLY B 213 14.54 -29.95 -20.67
N GLU B 214 15.64 -30.72 -20.61
CA GLU B 214 16.72 -30.49 -19.66
C GLU B 214 17.81 -29.56 -20.20
N ALA B 215 17.53 -28.81 -21.25
CA ALA B 215 18.51 -27.99 -21.95
C ALA B 215 18.64 -26.60 -21.32
N LYS B 216 19.77 -25.95 -21.60
CA LYS B 216 20.01 -24.61 -21.09
C LYS B 216 19.24 -23.57 -21.90
N GLU B 217 18.99 -22.41 -21.28
CA GLU B 217 18.15 -21.40 -21.92
C GLU B 217 18.77 -20.90 -23.23
N ASP B 218 20.10 -20.80 -23.29
CA ASP B 218 20.75 -20.35 -24.52
C ASP B 218 20.64 -21.38 -25.64
N GLU B 219 20.56 -22.67 -25.29
CA GLU B 219 20.59 -23.73 -26.27
C GLU B 219 19.24 -24.38 -26.49
N LEU B 220 18.19 -23.94 -25.78
CA LEU B 220 16.91 -24.64 -25.80
C LEU B 220 16.33 -24.70 -27.21
N GLN B 221 16.38 -23.58 -27.94
CA GLN B 221 15.79 -23.55 -29.26
C GLN B 221 16.45 -24.55 -30.20
N ALA B 222 17.79 -24.59 -30.21
CA ALA B 222 18.49 -25.51 -31.12
C ALA B 222 18.23 -26.96 -30.74
N LYS B 223 18.25 -27.28 -29.44
CA LYS B 223 18.03 -28.66 -29.02
C LYS B 223 16.60 -29.10 -29.32
N ALA B 224 15.63 -28.20 -29.12
CA ALA B 224 14.25 -28.54 -29.45
C ALA B 224 14.05 -28.66 -30.96
N SER B 225 14.70 -27.77 -31.74
CA SER B 225 14.61 -27.87 -33.19
C SER B 225 15.12 -29.23 -33.67
N ALA B 226 16.26 -29.67 -33.13
CA ALA B 226 16.77 -31.00 -33.48
C ALA B 226 15.85 -32.09 -32.95
N GLY B 227 15.31 -31.91 -31.74
CA GLY B 227 14.43 -32.90 -31.17
C GLY B 227 13.20 -33.17 -32.01
N ILE B 228 12.70 -32.14 -32.69
CA ILE B 228 11.55 -32.31 -33.57
C ILE B 228 11.94 -33.13 -34.80
N LEU B 229 13.03 -32.73 -35.46
CA LEU B 229 13.51 -33.47 -36.63
C LEU B 229 13.82 -34.91 -36.27
N GLU B 230 14.30 -35.16 -35.05
CA GLU B 230 14.52 -36.53 -34.62
C GLU B 230 13.21 -37.29 -34.52
N LEU B 231 12.19 -36.67 -33.92
CA LEU B 231 10.91 -37.34 -33.75
C LEU B 231 10.29 -37.68 -35.11
N HIS B 232 10.41 -36.77 -36.07
CA HIS B 232 9.85 -37.01 -37.40
C HIS B 232 10.43 -38.28 -38.02
N GLU B 233 11.74 -38.48 -37.83
CA GLU B 233 12.48 -39.56 -38.47
C GLU B 233 12.46 -40.85 -37.65
N ASN B 234 11.72 -40.88 -36.54
CA ASN B 234 11.72 -42.02 -35.64
C ASN B 234 10.72 -43.06 -36.11
N ASP B 235 11.12 -44.33 -36.09
CA ASP B 235 10.27 -45.40 -36.59
C ASP B 235 9.05 -45.65 -35.72
N TYR B 236 9.10 -45.27 -34.44
CA TYR B 236 7.92 -45.40 -33.59
C TYR B 236 6.88 -44.35 -33.94
N PHE B 237 7.31 -43.22 -34.46
CA PHE B 237 6.43 -42.12 -34.80
C PHE B 237 5.86 -42.37 -36.19
N SER B 238 5.37 -41.32 -36.84
CA SER B 238 4.91 -41.41 -38.22
C SER B 238 5.36 -40.16 -38.95
N LYS B 239 5.74 -40.34 -40.22
CA LYS B 239 6.35 -39.26 -40.99
C LYS B 239 5.34 -38.26 -41.50
N ASN B 240 4.04 -38.52 -41.37
CA ASN B 240 3.00 -37.62 -41.86
C ASN B 240 2.53 -36.60 -40.83
N VAL B 241 3.01 -36.67 -39.59
CA VAL B 241 2.47 -35.87 -38.50
C VAL B 241 3.25 -34.57 -38.41
N GLY B 242 2.55 -33.43 -38.54
CA GLY B 242 3.16 -32.16 -38.24
C GLY B 242 3.32 -31.94 -36.75
N ILE B 243 4.39 -31.23 -36.37
CA ILE B 243 4.79 -31.11 -34.98
C ILE B 243 4.94 -29.64 -34.62
N ILE B 244 4.32 -29.23 -33.51
CA ILE B 244 4.49 -27.90 -32.97
C ILE B 244 5.04 -28.04 -31.56
N CYS B 245 6.15 -27.35 -31.29
CA CYS B 245 6.74 -27.34 -29.96
C CYS B 245 6.69 -25.92 -29.39
N THR B 246 5.88 -25.71 -28.37
CA THR B 246 5.81 -24.39 -27.73
C THR B 246 6.90 -24.27 -26.67
N LEU B 247 7.46 -23.06 -26.55
CA LEU B 247 8.59 -22.85 -25.65
C LEU B 247 8.34 -21.73 -24.65
N GLY B 248 7.09 -21.54 -24.24
CA GLY B 248 6.80 -20.47 -23.30
C GLY B 248 7.18 -19.12 -23.86
N ALA B 249 7.89 -18.32 -23.04
CA ALA B 249 8.20 -16.95 -23.41
C ALA B 249 9.12 -16.83 -24.60
N LYS B 250 9.82 -17.90 -24.98
CA LYS B 250 10.73 -17.86 -26.11
C LYS B 250 10.03 -18.04 -27.46
N GLY B 251 8.76 -18.46 -27.45
CA GLY B 251 8.03 -18.61 -28.70
C GLY B 251 7.70 -20.06 -29.03
N ILE B 252 7.65 -20.40 -30.32
CA ILE B 252 7.22 -21.72 -30.76
C ILE B 252 8.16 -22.24 -31.85
N LEU B 253 8.15 -23.56 -32.01
CA LEU B 253 8.82 -24.24 -33.11
C LEU B 253 7.78 -25.00 -33.92
N CYS B 254 7.86 -24.87 -35.24
CA CYS B 254 6.84 -25.40 -36.14
C CYS B 254 7.48 -26.16 -37.28
N TYR B 255 7.05 -27.41 -37.46
CA TYR B 255 7.62 -28.31 -38.45
C TYR B 255 6.52 -28.99 -39.26
N GLU B 256 6.44 -28.65 -40.55
CA GLU B 256 5.62 -29.38 -41.51
C GLU B 256 6.42 -30.52 -42.12
N PRO B 257 5.83 -31.72 -42.23
CA PRO B 257 6.59 -32.86 -42.78
C PRO B 257 7.24 -32.53 -44.12
N GLY B 258 8.52 -32.86 -44.21
CA GLY B 258 9.37 -32.62 -45.38
C GLY B 258 9.88 -31.21 -45.55
N LYS B 259 9.55 -30.28 -44.69
CA LYS B 259 10.05 -28.93 -44.82
C LYS B 259 11.14 -28.71 -43.75
N GLU B 260 11.46 -27.44 -43.48
CA GLU B 260 12.41 -27.10 -42.43
C GLU B 260 11.68 -26.66 -41.17
N VAL B 261 12.35 -26.83 -40.03
CA VAL B 261 11.78 -26.39 -38.76
C VAL B 261 11.77 -24.87 -38.73
N GLY B 262 10.61 -24.29 -38.46
CA GLY B 262 10.45 -22.86 -38.41
C GLY B 262 10.32 -22.38 -36.97
N TYR B 263 10.94 -21.24 -36.68
CA TYR B 263 10.91 -20.63 -35.37
C TYR B 263 10.17 -19.31 -35.44
N LEU B 264 9.18 -19.12 -34.56
CA LEU B 264 8.57 -17.81 -34.42
C LEU B 264 8.65 -17.31 -32.99
N PRO B 265 8.99 -16.04 -32.78
CA PRO B 265 9.07 -15.50 -31.41
C PRO B 265 7.71 -15.14 -30.87
N ALA B 266 7.66 -15.06 -29.53
CA ALA B 266 6.44 -14.65 -28.84
C ALA B 266 6.05 -13.23 -29.24
N ALA B 267 4.75 -12.94 -29.13
CA ALA B 267 4.24 -11.63 -29.45
C ALA B 267 4.74 -10.60 -28.44
N LYS B 268 5.01 -9.39 -28.91
CA LYS B 268 5.37 -8.31 -27.99
C LYS B 268 4.17 -8.00 -27.09
N LEU B 269 4.44 -7.84 -25.80
CA LEU B 269 3.38 -7.56 -24.84
C LEU B 269 3.05 -6.07 -24.83
N GLN B 270 1.77 -5.76 -24.63
CA GLN B 270 1.32 -4.38 -24.48
C GLN B 270 0.94 -4.05 -23.05
N ASN B 271 1.02 -5.02 -22.15
CA ASN B 271 0.76 -4.83 -20.73
C ASN B 271 1.67 -5.80 -19.99
N PRO B 272 1.90 -5.60 -18.70
CA PRO B 272 2.74 -6.53 -17.94
C PRO B 272 2.16 -7.93 -17.94
N VAL B 273 3.03 -8.91 -17.69
CA VAL B 273 2.59 -10.29 -17.51
C VAL B 273 1.80 -10.41 -16.22
N LYS B 274 0.56 -10.88 -16.31
CA LYS B 274 -0.26 -11.16 -15.14
C LYS B 274 -0.38 -12.63 -14.81
N ASP B 275 -0.54 -13.50 -15.81
CA ASP B 275 -0.81 -14.90 -15.54
C ASP B 275 -0.57 -15.72 -16.80
N THR B 276 0.34 -16.69 -16.75
CA THR B 276 0.63 -17.51 -17.93
C THR B 276 -0.18 -18.79 -17.97
N THR B 277 -1.07 -18.99 -16.99
CA THR B 277 -1.91 -20.17 -17.00
C THR B 277 -2.77 -20.21 -18.25
N GLY B 278 -2.91 -21.38 -18.84
CA GLY B 278 -3.79 -21.53 -19.99
C GLY B 278 -3.25 -21.06 -21.32
N ALA B 279 -1.99 -20.60 -21.39
CA ALA B 279 -1.46 -20.13 -22.65
C ALA B 279 -1.31 -21.27 -23.65
N GLY B 280 -0.90 -22.45 -23.18
CA GLY B 280 -0.80 -23.59 -24.07
C GLY B 280 -2.14 -24.00 -24.64
N ASP B 281 -3.18 -24.01 -23.80
CA ASP B 281 -4.52 -24.35 -24.28
C ASP B 281 -5.06 -23.25 -25.16
N CYS B 282 -4.76 -21.99 -24.83
CA CYS B 282 -5.13 -20.91 -25.74
C CYS B 282 -4.50 -21.11 -27.11
N PHE B 283 -3.25 -21.59 -27.14
CA PHE B 283 -2.56 -21.81 -28.41
C PHE B 283 -3.22 -22.94 -29.21
N ALA B 284 -3.42 -24.10 -28.59
CA ALA B 284 -4.00 -25.23 -29.30
C ALA B 284 -5.35 -24.88 -29.90
N GLY B 285 -6.21 -24.23 -29.11
CA GLY B 285 -7.54 -23.91 -29.60
C GLY B 285 -7.51 -22.91 -30.74
N TYR B 286 -6.72 -21.85 -30.59
CA TYR B 286 -6.57 -20.89 -31.67
C TYR B 286 -5.95 -21.54 -32.90
N PHE B 287 -5.05 -22.50 -32.70
CA PHE B 287 -4.44 -23.19 -33.84
C PHE B 287 -5.49 -23.98 -34.61
N VAL B 288 -6.30 -24.77 -33.91
CA VAL B 288 -7.34 -25.54 -34.60
C VAL B 288 -8.28 -24.60 -35.35
N ALA B 289 -8.65 -23.47 -34.73
CA ALA B 289 -9.56 -22.55 -35.40
C ALA B 289 -8.90 -21.93 -36.63
N GLY B 290 -7.60 -21.67 -36.57
CA GLY B 290 -6.90 -21.16 -37.74
C GLY B 290 -6.91 -22.15 -38.89
N LEU B 291 -6.65 -23.43 -38.59
CA LEU B 291 -6.83 -24.48 -39.58
C LEU B 291 -8.24 -24.47 -40.13
N MET B 292 -9.24 -24.40 -39.25
CA MET B 292 -10.63 -24.47 -39.69
C MET B 292 -10.98 -23.30 -40.59
N SER B 293 -10.38 -22.13 -40.34
CA SER B 293 -10.64 -20.94 -41.13
C SER B 293 -10.04 -21.02 -42.53
N GLY B 294 -9.19 -22.01 -42.78
CA GLY B 294 -8.48 -22.15 -44.05
C GLY B 294 -7.39 -21.13 -44.32
N LYS B 295 -6.97 -20.35 -43.32
CA LYS B 295 -5.83 -19.47 -43.54
C LYS B 295 -4.53 -20.30 -43.61
N SER B 296 -3.49 -19.69 -44.17
CA SER B 296 -2.19 -20.34 -44.25
C SER B 296 -1.64 -20.68 -42.85
N LEU B 297 -0.69 -21.61 -42.83
CA LEU B 297 -0.10 -22.07 -41.57
C LEU B 297 0.62 -20.95 -40.84
N GLN B 298 1.36 -20.11 -41.57
CA GLN B 298 2.04 -19.00 -40.90
C GLN B 298 1.04 -18.01 -40.32
N ASP B 299 -0.06 -17.75 -41.05
CA ASP B 299 -1.09 -16.86 -40.51
C ASP B 299 -1.81 -17.49 -39.33
N ALA B 300 -1.99 -18.81 -39.33
CA ALA B 300 -2.54 -19.47 -38.15
C ALA B 300 -1.65 -19.26 -36.94
N LEU B 301 -0.35 -19.54 -37.09
CA LEU B 301 0.59 -19.42 -35.98
C LEU B 301 0.72 -17.97 -35.53
N LYS B 302 0.82 -17.04 -36.48
CA LYS B 302 0.95 -15.64 -36.10
C LYS B 302 -0.27 -15.20 -35.29
N THR B 303 -1.46 -15.66 -35.68
CA THR B 303 -2.65 -15.37 -34.90
C THR B 303 -2.59 -16.04 -33.53
N CYS B 304 -2.10 -17.28 -33.47
CA CYS B 304 -1.92 -17.95 -32.18
C CYS B 304 -1.03 -17.14 -31.25
N LEU B 305 0.09 -16.63 -31.78
CA LEU B 305 1.05 -15.94 -30.94
C LEU B 305 0.47 -14.66 -30.36
N VAL B 306 -0.21 -13.88 -31.18
CA VAL B 306 -0.85 -12.66 -30.70
C VAL B 306 -1.94 -13.00 -29.68
N ALA B 307 -2.68 -14.09 -29.93
CA ALA B 307 -3.70 -14.54 -28.98
C ALA B 307 -3.10 -14.88 -27.63
N CYS B 308 -1.97 -15.61 -27.63
CA CYS B 308 -1.34 -15.97 -26.37
C CYS B 308 -0.71 -14.77 -25.68
N GLY B 309 -0.25 -13.78 -26.46
CA GLY B 309 0.24 -12.55 -25.88
C GLY B 309 -0.84 -11.85 -25.06
N ILE B 310 -2.04 -11.72 -25.62
CA ILE B 310 -3.16 -11.18 -24.85
C ILE B 310 -3.45 -12.08 -23.66
N CYS B 311 -3.37 -13.40 -23.87
CA CYS B 311 -3.72 -14.35 -22.82
C CYS B 311 -2.88 -14.13 -21.56
N VAL B 312 -1.57 -13.90 -21.73
CA VAL B 312 -0.69 -13.82 -20.56
C VAL B 312 -0.77 -12.50 -19.84
N GLU B 313 -1.45 -11.51 -20.41
CA GLU B 313 -1.69 -10.22 -19.77
C GLU B 313 -2.88 -10.25 -18.82
N ASN B 314 -3.60 -11.36 -18.74
CA ASN B 314 -4.84 -11.43 -17.98
C ASN B 314 -4.84 -12.66 -17.08
N GLU B 315 -5.64 -12.60 -16.01
CA GLU B 315 -5.69 -13.69 -15.06
C GLU B 315 -6.69 -14.75 -15.51
N GLY B 316 -6.36 -16.01 -15.22
CA GLY B 316 -7.25 -17.12 -15.47
C GLY B 316 -6.94 -17.82 -16.78
N ALA B 317 -7.58 -18.98 -16.96
CA ALA B 317 -7.39 -19.80 -18.17
C ALA B 317 -8.34 -19.38 -19.28
N MET B 318 -9.62 -19.73 -19.15
CA MET B 318 -10.59 -19.37 -20.17
C MET B 318 -10.78 -17.87 -20.24
N GLU B 319 -10.97 -17.22 -19.08
CA GLU B 319 -11.32 -15.82 -19.04
C GLU B 319 -10.24 -14.92 -19.64
N SER B 320 -9.02 -15.42 -19.78
CA SER B 320 -7.97 -14.61 -20.38
C SER B 320 -7.91 -14.73 -21.89
N VAL B 321 -8.53 -15.76 -22.47
CA VAL B 321 -8.46 -16.02 -23.91
C VAL B 321 -9.16 -14.92 -24.69
N PRO B 322 -8.47 -14.22 -25.59
CA PRO B 322 -9.10 -13.10 -26.28
C PRO B 322 -10.01 -13.54 -27.41
N THR B 323 -10.95 -12.67 -27.75
CA THR B 323 -11.76 -12.89 -28.93
C THR B 323 -10.93 -12.62 -30.18
N LEU B 324 -11.36 -13.20 -31.30
CA LEU B 324 -10.70 -12.95 -32.58
C LEU B 324 -10.67 -11.45 -32.90
N ASN B 325 -11.74 -10.73 -32.55
CA ASN B 325 -11.74 -9.29 -32.76
C ASN B 325 -10.70 -8.60 -31.90
N ALA B 326 -10.57 -9.04 -30.64
CA ALA B 326 -9.52 -8.50 -29.79
C ALA B 326 -8.15 -8.76 -30.39
N VAL B 327 -7.95 -9.96 -30.95
CA VAL B 327 -6.70 -10.27 -31.60
C VAL B 327 -6.53 -9.43 -32.85
N LYS B 328 -7.61 -9.27 -33.63
CA LYS B 328 -7.54 -8.52 -34.88
C LYS B 328 -7.29 -7.04 -34.64
N GLU B 329 -7.84 -6.50 -33.55
CA GLU B 329 -7.58 -5.10 -33.20
C GLU B 329 -6.12 -4.87 -32.90
N ARG B 330 -5.42 -5.89 -32.39
CA ARG B 330 -4.03 -5.70 -31.99
C ARG B 330 -3.05 -5.82 -33.15
N LEU B 331 -3.36 -6.61 -34.17
CA LEU B 331 -2.34 -6.87 -35.18
C LEU B 331 -2.92 -7.28 -36.53
N SER C 12 -8.18 -31.02 39.52
CA SER C 12 -8.59 -31.99 38.51
C SER C 12 -8.09 -31.56 37.14
N SER C 13 -7.56 -32.51 36.37
CA SER C 13 -6.80 -32.15 35.19
C SER C 13 -7.73 -31.77 34.06
N ARG C 14 -7.29 -30.79 33.27
CA ARG C 14 -8.06 -30.29 32.14
C ARG C 14 -7.07 -29.69 31.14
N CYS C 15 -7.24 -30.03 29.87
CA CYS C 15 -6.34 -29.59 28.82
C CYS C 15 -7.01 -28.58 27.89
N LEU C 16 -6.27 -27.54 27.51
CA LEU C 16 -6.72 -26.57 26.53
C LEU C 16 -5.86 -26.71 25.29
N VAL C 17 -6.48 -26.93 24.14
CA VAL C 17 -5.78 -26.96 22.87
C VAL C 17 -6.03 -25.65 22.14
N ARG C 18 -4.96 -24.93 21.83
CA ARG C 18 -5.02 -23.73 21.01
C ARG C 18 -4.42 -24.10 19.65
N GLY C 19 -5.27 -24.31 18.65
CA GLY C 19 -4.76 -24.87 17.41
C GLY C 19 -5.77 -24.89 16.28
N SER C 20 -5.42 -25.67 15.25
CA SER C 20 -6.04 -25.60 13.93
C SER C 20 -7.17 -26.62 13.76
N VAL C 21 -8.09 -26.27 12.87
CA VAL C 21 -9.10 -27.20 12.37
C VAL C 21 -8.98 -27.18 10.84
N ASN C 22 -8.78 -28.35 10.25
CA ASN C 22 -8.62 -28.45 8.81
C ASN C 22 -9.59 -29.44 8.21
N ILE C 23 -10.09 -29.12 7.03
CA ILE C 23 -10.67 -30.12 6.16
C ILE C 23 -9.50 -30.65 5.33
N ASP C 24 -9.21 -31.94 5.50
CA ASP C 24 -8.14 -32.62 4.78
C ASP C 24 -8.64 -33.29 3.51
N GLU C 25 -7.84 -33.17 2.45
CA GLU C 25 -8.05 -33.89 1.19
C GLU C 25 -6.83 -34.78 0.94
N PHE C 26 -7.04 -36.09 1.02
CA PHE C 26 -5.99 -37.07 0.79
C PHE C 26 -5.96 -37.48 -0.68
N PHE C 27 -4.89 -37.12 -1.38
CA PHE C 27 -4.63 -37.58 -2.74
C PHE C 27 -3.61 -38.72 -2.72
N HIS C 28 -4.02 -39.89 -3.19
CA HIS C 28 -3.11 -41.01 -3.37
C HIS C 28 -2.36 -40.87 -4.67
N LEU C 29 -1.06 -40.95 -4.61
CA LEU C 29 -0.21 -40.71 -5.76
C LEU C 29 0.85 -41.79 -5.85
N PRO C 30 1.29 -42.10 -7.07
CA PRO C 30 2.47 -42.98 -7.21
C PRO C 30 3.66 -42.42 -6.47
N HIS C 31 3.90 -41.12 -6.63
CA HIS C 31 4.98 -40.42 -5.98
C HIS C 31 4.56 -38.97 -5.84
N ILE C 32 5.26 -38.26 -4.94
CA ILE C 32 4.96 -36.84 -4.72
C ILE C 32 5.24 -36.06 -5.99
N VAL C 33 4.33 -35.12 -6.31
CA VAL C 33 4.48 -34.41 -7.57
C VAL C 33 5.74 -33.54 -7.53
N ARG C 34 6.52 -33.61 -8.59
CA ARG C 34 7.78 -32.88 -8.73
C ARG C 34 7.55 -31.58 -9.47
N PRO C 35 8.37 -30.55 -9.26
CA PRO C 35 8.17 -29.27 -9.95
C PRO C 35 8.12 -29.45 -11.47
N GLY C 36 7.12 -28.83 -12.10
CA GLY C 36 6.87 -28.94 -13.51
C GLY C 36 6.09 -30.16 -13.93
N GLU C 37 5.74 -31.04 -12.99
CA GLU C 37 5.10 -32.31 -13.32
C GLU C 37 3.60 -32.22 -13.12
N THR C 38 2.86 -32.86 -14.04
CA THR C 38 1.44 -33.15 -13.88
C THR C 38 1.30 -34.64 -13.61
N ILE C 39 0.56 -35.00 -12.58
CA ILE C 39 0.39 -36.41 -12.22
C ILE C 39 -1.05 -36.62 -11.75
N SER C 40 -1.59 -37.81 -12.00
CA SER C 40 -2.96 -38.16 -11.68
C SER C 40 -3.02 -38.89 -10.35
N SER C 41 -3.89 -38.43 -9.46
CA SER C 41 -4.14 -39.14 -8.21
C SER C 41 -4.95 -40.39 -8.49
N THR C 42 -4.79 -41.39 -7.64
CA THR C 42 -5.54 -42.63 -7.79
C THR C 42 -6.71 -42.74 -6.81
N GLY C 43 -6.89 -41.74 -5.96
CA GLY C 43 -8.02 -41.72 -5.05
C GLY C 43 -8.00 -40.42 -4.27
N LEU C 44 -9.18 -40.05 -3.77
CA LEU C 44 -9.37 -38.77 -3.10
C LEU C 44 -10.38 -38.92 -1.96
N THR C 45 -9.97 -38.56 -0.74
CA THR C 45 -10.87 -38.57 0.39
C THR C 45 -10.83 -37.24 1.12
N LYS C 46 -11.98 -36.80 1.60
CA LYS C 46 -12.08 -35.61 2.42
C LYS C 46 -12.32 -36.09 3.84
N ARG C 47 -11.51 -35.60 4.80
CA ARG C 47 -11.55 -36.04 6.18
C ARG C 47 -11.31 -34.88 7.15
N ALA C 48 -11.90 -34.98 8.34
CA ALA C 48 -11.67 -34.00 9.39
C ALA C 48 -10.24 -34.10 9.92
N GLY C 49 -9.62 -32.95 10.12
CA GLY C 49 -8.23 -32.89 10.55
C GLY C 49 -7.81 -31.55 11.16
N GLY C 50 -6.53 -31.23 11.00
CA GLY C 50 -5.95 -30.07 11.65
C GLY C 50 -5.21 -30.51 12.89
N LYS C 51 -4.01 -29.96 13.11
CA LYS C 51 -3.21 -30.36 14.26
C LYS C 51 -3.95 -30.11 15.57
N GLY C 52 -4.66 -28.99 15.66
CA GLY C 52 -5.43 -28.70 16.86
C GLY C 52 -6.55 -29.67 17.10
N ALA C 53 -7.44 -29.82 16.13
CA ALA C 53 -8.57 -30.74 16.29
C ALA C 53 -8.11 -32.18 16.50
N ASN C 54 -7.10 -32.62 15.74
CA ASN C 54 -6.57 -33.97 15.92
C ASN C 54 -6.15 -34.21 17.36
N GLN C 55 -5.32 -33.31 17.89
CA GLN C 55 -4.76 -33.56 19.22
C GLN C 55 -5.84 -33.44 20.30
N ALA C 56 -6.73 -32.46 20.19
CA ALA C 56 -7.85 -32.37 21.12
C ALA C 56 -8.69 -33.63 21.06
N PHE C 57 -8.98 -34.11 19.85
CA PHE C 57 -9.73 -35.35 19.67
C PHE C 57 -9.02 -36.51 20.36
N ALA C 58 -7.69 -36.56 20.25
CA ALA C 58 -6.90 -37.62 20.88
C ALA C 58 -6.97 -37.55 22.40
N VAL C 59 -6.86 -36.32 22.97
CA VAL C 59 -7.00 -36.17 24.41
C VAL C 59 -8.35 -36.71 24.87
N ALA C 60 -9.42 -36.38 24.13
CA ALA C 60 -10.75 -36.85 24.49
C ALA C 60 -10.90 -38.36 24.29
N ARG C 61 -10.43 -38.86 23.14
CA ARG C 61 -10.50 -40.30 22.90
C ARG C 61 -9.70 -41.08 23.94
N ALA C 62 -8.64 -40.47 24.48
CA ALA C 62 -7.85 -41.10 25.52
C ALA C 62 -8.48 -40.98 26.90
N GLY C 63 -9.60 -40.29 27.04
CA GLY C 63 -10.32 -40.18 28.29
C GLY C 63 -10.18 -38.87 29.05
N GLY C 64 -9.43 -37.91 28.52
CA GLY C 64 -9.17 -36.68 29.24
C GLY C 64 -10.18 -35.59 28.94
N GLN C 65 -10.23 -34.60 29.85
CA GLN C 65 -11.03 -33.40 29.68
C GLN C 65 -10.27 -32.41 28.82
N VAL C 66 -10.86 -31.96 27.73
CA VAL C 66 -10.16 -31.11 26.78
C VAL C 66 -11.13 -30.12 26.16
N GLU C 67 -10.64 -28.91 25.90
CA GLU C 67 -11.37 -27.90 25.15
C GLU C 67 -10.46 -27.35 24.07
N LEU C 68 -11.04 -27.13 22.90
CA LEU C 68 -10.33 -26.63 21.73
C LEU C 68 -10.65 -25.16 21.53
N ASP C 69 -9.61 -24.35 21.39
CA ASP C 69 -9.72 -22.91 21.21
C ASP C 69 -9.23 -22.58 19.79
N GLY C 70 -10.17 -22.19 18.93
CA GLY C 70 -9.83 -21.91 17.55
C GLY C 70 -11.05 -21.47 16.78
N ALA C 71 -10.95 -21.53 15.46
CA ALA C 71 -12.02 -21.02 14.62
C ALA C 71 -12.14 -21.84 13.35
N ILE C 72 -13.39 -21.96 12.87
CA ILE C 72 -13.72 -22.58 11.60
C ILE C 72 -14.66 -21.63 10.86
N GLY C 73 -14.95 -21.97 9.60
CA GLY C 73 -16.02 -21.35 8.85
C GLY C 73 -17.28 -22.21 8.99
N ASP C 74 -18.36 -21.72 8.39
CA ASP C 74 -19.60 -22.50 8.39
C ASP C 74 -19.41 -23.84 7.69
N ASP C 75 -18.59 -23.87 6.64
CA ASP C 75 -18.35 -25.11 5.91
C ASP C 75 -17.65 -26.17 6.76
N GLY C 76 -17.25 -25.83 7.99
CA GLY C 76 -16.56 -26.76 8.86
C GLY C 76 -17.35 -27.24 10.06
N ILE C 77 -18.64 -26.94 10.13
CA ILE C 77 -19.44 -27.33 11.28
C ILE C 77 -19.42 -28.83 11.49
N TRP C 78 -19.35 -29.62 10.41
CA TRP C 78 -19.35 -31.07 10.56
C TRP C 78 -18.11 -31.56 11.29
N VAL C 79 -17.00 -30.82 11.19
CA VAL C 79 -15.83 -31.17 11.99
C VAL C 79 -16.05 -30.79 13.44
N LYS C 80 -16.70 -29.64 13.68
CA LYS C 80 -17.06 -29.27 15.05
C LYS C 80 -17.91 -30.35 15.70
N GLU C 81 -18.91 -30.86 14.99
CA GLU C 81 -19.77 -31.87 15.58
C GLU C 81 -19.00 -33.17 15.85
N MET C 82 -18.04 -33.52 14.98
CA MET C 82 -17.24 -34.71 15.27
C MET C 82 -16.45 -34.53 16.56
N LEU C 83 -15.85 -33.36 16.74
CA LEU C 83 -15.14 -33.09 17.98
C LEU C 83 -16.08 -33.20 19.17
N GLU C 84 -17.29 -32.64 19.05
CA GLU C 84 -18.26 -32.72 20.13
C GLU C 84 -18.62 -34.15 20.47
N SER C 85 -18.77 -35.01 19.45
CA SER C 85 -19.19 -36.39 19.70
C SER C 85 -18.17 -37.17 20.52
N ALA C 86 -16.89 -36.81 20.45
CA ALA C 86 -15.89 -37.43 21.31
C ALA C 86 -15.77 -36.76 22.67
N GLY C 87 -16.50 -35.67 22.90
CA GLY C 87 -16.42 -34.98 24.16
C GLY C 87 -15.47 -33.81 24.20
N VAL C 88 -14.96 -33.38 23.04
CA VAL C 88 -14.16 -32.17 23.03
C VAL C 88 -15.09 -30.98 23.25
N GLY C 89 -14.74 -30.14 24.22
CA GLY C 89 -15.46 -28.91 24.43
C GLY C 89 -15.19 -27.92 23.30
N THR C 90 -16.25 -27.34 22.75
CA THR C 90 -16.14 -26.46 21.59
C THR C 90 -16.66 -25.06 21.85
N ASP C 91 -16.79 -24.66 23.12
CA ASP C 91 -17.28 -23.31 23.39
C ASP C 91 -16.32 -22.24 22.87
N LYS C 92 -15.03 -22.54 22.78
CA LYS C 92 -14.07 -21.58 22.24
C LYS C 92 -13.74 -21.86 20.79
N LEU C 93 -14.55 -22.66 20.11
CA LEU C 93 -14.39 -22.88 18.68
C LEU C 93 -15.36 -21.93 17.98
N LYS C 94 -14.84 -20.79 17.54
CA LYS C 94 -15.71 -19.79 16.93
C LYS C 94 -16.00 -20.16 15.48
N ILE C 95 -17.22 -19.93 15.05
CA ILE C 95 -17.57 -20.07 13.65
C ILE C 95 -17.49 -18.67 13.05
N VAL C 96 -16.56 -18.50 12.13
CA VAL C 96 -16.25 -17.19 11.57
C VAL C 96 -17.13 -16.96 10.35
N LYS C 97 -18.00 -15.96 10.44
CA LYS C 97 -18.74 -15.54 9.27
C LYS C 97 -17.76 -15.02 8.22
N ASP C 98 -18.08 -15.29 6.95
CA ASP C 98 -17.32 -14.81 5.79
C ASP C 98 -15.94 -15.43 5.66
N GLU C 99 -15.66 -16.53 6.34
CA GLU C 99 -14.41 -17.26 6.16
C GLU C 99 -14.69 -18.73 5.88
N VAL C 100 -13.74 -19.41 5.23
CA VAL C 100 -13.84 -20.85 5.03
C VAL C 100 -12.90 -21.52 6.03
N THR C 101 -13.25 -22.73 6.42
CA THR C 101 -12.38 -23.55 7.26
C THR C 101 -11.05 -23.80 6.58
N GLY C 102 -10.00 -23.84 7.39
CA GLY C 102 -8.67 -24.19 6.93
C GLY C 102 -8.65 -25.52 6.20
N ARG C 103 -7.73 -25.67 5.26
CA ARG C 103 -7.65 -26.84 4.40
C ARG C 103 -6.22 -27.35 4.33
N ALA C 104 -6.07 -28.66 4.26
CA ALA C 104 -4.80 -29.33 4.00
C ALA C 104 -4.93 -30.21 2.76
N VAL C 105 -4.09 -29.95 1.76
CA VAL C 105 -3.97 -30.81 0.59
C VAL C 105 -2.85 -31.79 0.88
N ILE C 106 -3.19 -33.07 1.06
CA ILE C 106 -2.22 -34.09 1.46
C ILE C 106 -1.96 -35.05 0.28
N GLN C 107 -0.70 -35.16 -0.11
CA GLN C 107 -0.26 -36.15 -1.10
C GLN C 107 0.28 -37.38 -0.38
N SER C 108 -0.46 -38.48 -0.43
CA SER C 108 0.00 -39.74 0.15
C SER C 108 0.69 -40.55 -0.95
N ALA C 109 2.02 -40.53 -0.95
CA ALA C 109 2.78 -41.19 -1.99
C ALA C 109 2.83 -42.68 -1.73
N ALA C 110 2.93 -43.45 -2.82
CA ALA C 110 3.17 -44.88 -2.66
C ALA C 110 4.54 -45.14 -2.08
N ASP C 111 5.45 -44.18 -2.23
CA ASP C 111 6.73 -44.20 -1.53
C ASP C 111 6.59 -44.26 -0.03
N GLY C 112 5.43 -43.86 0.51
CA GLY C 112 5.20 -43.75 1.93
C GLY C 112 5.34 -42.35 2.47
N GLU C 113 6.19 -41.55 1.83
CA GLU C 113 6.34 -40.15 2.19
C GLU C 113 5.04 -39.40 1.93
N ASN C 114 4.77 -38.41 2.75
CA ASN C 114 3.58 -37.59 2.61
C ASN C 114 4.01 -36.14 2.43
N SER C 115 3.17 -35.33 1.81
CA SER C 115 3.46 -33.91 1.68
C SER C 115 2.17 -33.13 1.84
N ILE C 116 2.21 -32.07 2.64
CA ILE C 116 1.03 -31.29 2.97
C ILE C 116 1.22 -29.86 2.54
N VAL C 117 0.17 -29.30 1.95
CA VAL C 117 0.04 -27.87 1.69
C VAL C 117 -1.13 -27.37 2.52
N LEU C 118 -0.89 -26.34 3.32
CA LEU C 118 -1.90 -25.78 4.20
C LEU C 118 -2.49 -24.50 3.61
N HIS C 119 -3.78 -24.32 3.83
CA HIS C 119 -4.47 -23.07 3.57
C HIS C 119 -5.15 -22.68 4.88
N ALA C 120 -4.72 -21.53 5.45
CA ALA C 120 -5.08 -21.17 6.81
C ALA C 120 -6.59 -21.03 6.99
N GLY C 121 -7.25 -20.29 6.10
CA GLY C 121 -8.67 -20.07 6.28
C GLY C 121 -8.95 -19.47 7.64
N ALA C 122 -10.02 -19.94 8.29
CA ALA C 122 -10.43 -19.40 9.57
C ALA C 122 -9.42 -19.68 10.68
N ASN C 123 -8.47 -20.60 10.48
CA ASN C 123 -7.43 -20.84 11.48
C ASN C 123 -6.59 -19.60 11.75
N TYR C 124 -6.53 -18.65 10.83
CA TYR C 124 -5.74 -17.45 11.05
C TYR C 124 -6.59 -16.25 11.45
N TYR C 125 -7.83 -16.48 11.86
CA TYR C 125 -8.68 -15.42 12.39
C TYR C 125 -8.11 -14.86 13.68
N LEU C 126 -7.94 -13.54 13.75
CA LEU C 126 -7.51 -12.90 14.99
C LEU C 126 -8.61 -11.96 15.45
N PRO C 127 -9.33 -12.29 16.52
CA PRO C 127 -10.40 -11.40 16.97
C PRO C 127 -9.83 -10.10 17.50
N SER C 128 -10.45 -8.99 17.09
CA SER C 128 -10.18 -7.68 17.66
C SER C 128 -11.46 -7.15 18.30
N PRO C 129 -11.38 -6.66 19.56
CA PRO C 129 -10.18 -6.65 20.40
C PRO C 129 -9.74 -8.05 20.83
N THR C 130 -8.49 -8.16 21.30
CA THR C 130 -7.89 -9.45 21.66
C THR C 130 -8.28 -9.89 23.06
N THR C 133 -8.50 -14.33 27.62
CA THR C 133 -9.07 -15.61 28.01
C THR C 133 -8.33 -16.22 29.21
N SER C 134 -9.09 -16.51 30.27
CA SER C 134 -8.53 -17.08 31.49
C SER C 134 -8.18 -18.56 31.32
N LEU C 135 -7.01 -18.93 31.84
CA LEU C 135 -6.50 -20.30 31.83
C LEU C 135 -6.62 -20.98 33.19
N ALA C 136 -7.36 -20.39 34.12
CA ALA C 136 -7.35 -20.85 35.52
C ALA C 136 -7.90 -22.25 35.67
N THR C 137 -8.83 -22.65 34.81
CA THR C 137 -9.45 -23.97 34.85
C THR C 137 -8.64 -25.04 34.13
N TYR C 138 -7.47 -24.69 33.59
CA TYR C 138 -6.70 -25.62 32.78
C TYR C 138 -5.41 -25.98 33.50
N THR C 139 -5.02 -27.26 33.37
CA THR C 139 -3.78 -27.76 33.91
C THR C 139 -2.74 -28.04 32.84
N HIS C 140 -3.17 -28.20 31.60
CA HIS C 140 -2.28 -28.51 30.51
C HIS C 140 -2.65 -27.65 29.32
N LEU C 141 -1.65 -27.21 28.57
CA LEU C 141 -1.82 -26.44 27.35
C LEU C 141 -1.13 -27.16 26.20
N LEU C 142 -1.85 -27.34 25.11
CA LEU C 142 -1.33 -28.02 23.94
C LEU C 142 -1.38 -27.05 22.76
N VAL C 143 -0.23 -26.81 22.12
CA VAL C 143 -0.14 -25.83 21.03
C VAL C 143 0.71 -26.37 19.90
N GLN C 144 0.47 -25.84 18.70
CA GLN C 144 1.24 -26.18 17.51
C GLN C 144 1.53 -24.88 16.78
N ASN C 145 1.75 -24.92 15.46
CA ASN C 145 2.02 -23.70 14.73
C ASN C 145 1.14 -23.53 13.50
N GLU C 146 -0.09 -24.02 13.55
CA GLU C 146 -1.02 -23.86 12.43
C GLU C 146 -2.00 -22.72 12.63
N VAL C 147 -1.83 -21.93 13.68
CA VAL C 147 -2.57 -20.70 13.93
C VAL C 147 -1.58 -19.54 13.95
N PRO C 148 -2.01 -18.27 14.04
CA PRO C 148 -1.02 -17.18 14.12
C PRO C 148 -0.07 -17.39 15.28
N LEU C 149 1.22 -17.19 15.01
CA LEU C 149 2.24 -17.41 16.03
C LEU C 149 2.05 -16.47 17.21
N SER C 150 1.60 -15.24 16.97
CA SER C 150 1.35 -14.32 18.08
C SER C 150 0.35 -14.93 19.04
N SER C 151 -0.70 -15.58 18.51
CA SER C 151 -1.67 -16.24 19.37
C SER C 151 -1.04 -17.36 20.18
N THR C 152 -0.32 -18.26 19.50
CA THR C 152 0.36 -19.33 20.23
C THR C 152 1.27 -18.77 21.31
N LEU C 153 2.08 -17.77 20.96
CA LEU C 153 2.97 -17.15 21.94
C LEU C 153 2.19 -16.61 23.13
N ALA C 154 1.09 -15.91 22.85
CA ALA C 154 0.31 -15.32 23.94
C ALA C 154 -0.26 -16.39 24.86
N TYR C 155 -0.75 -17.50 24.29
CA TYR C 155 -1.28 -18.57 25.13
C TYR C 155 -0.17 -19.24 25.92
N LEU C 156 1.01 -19.40 25.33
CA LEU C 156 2.12 -19.99 26.06
C LEU C 156 2.63 -19.06 27.16
N THR C 157 2.78 -17.77 26.85
CA THR C 157 3.20 -16.83 27.88
C THR C 157 2.21 -16.86 29.05
N ALA C 158 0.91 -16.92 28.75
CA ALA C 158 -0.09 -16.92 29.82
C ALA C 158 -0.04 -18.21 30.62
N ALA C 159 0.14 -19.34 29.95
CA ALA C 159 0.24 -20.63 30.65
C ALA C 159 1.46 -20.66 31.57
N GLY C 160 2.58 -20.09 31.11
CA GLY C 160 3.80 -20.13 31.89
C GLY C 160 3.84 -19.11 33.02
N GLN C 161 3.11 -18.01 32.87
CA GLN C 161 3.06 -17.00 33.92
C GLN C 161 1.91 -17.23 34.89
N SER C 162 1.25 -18.38 34.84
CA SER C 162 0.14 -18.65 35.72
C SER C 162 0.65 -19.22 37.04
N SER C 163 -0.21 -19.18 38.05
CA SER C 163 0.10 -19.67 39.39
C SER C 163 -0.87 -20.78 39.75
N PRO C 164 -0.48 -22.06 39.62
CA PRO C 164 0.80 -22.53 39.11
C PRO C 164 0.87 -22.57 37.56
N PRO C 165 2.08 -22.60 37.02
CA PRO C 165 2.23 -22.67 35.56
C PRO C 165 1.63 -23.97 35.04
N LEU C 166 1.03 -23.88 33.86
CA LEU C 166 0.44 -25.05 33.24
C LEU C 166 1.52 -25.92 32.64
N THR C 167 1.27 -27.22 32.62
CA THR C 167 2.10 -28.12 31.83
C THR C 167 1.77 -27.91 30.37
N SER C 168 2.73 -27.39 29.61
CA SER C 168 2.48 -27.04 28.23
C SER C 168 3.32 -27.92 27.29
N VAL C 169 2.70 -28.36 26.20
CA VAL C 169 3.31 -29.23 25.20
C VAL C 169 3.21 -28.55 23.85
N PHE C 170 4.33 -28.45 23.14
CA PHE C 170 4.42 -27.70 21.90
C PHE C 170 4.97 -28.57 20.78
N ASN C 171 4.32 -28.47 19.62
CA ASN C 171 4.71 -29.21 18.41
C ASN C 171 4.97 -28.20 17.30
N PRO C 172 6.24 -27.92 16.96
CA PRO C 172 6.56 -26.86 15.98
C PRO C 172 6.26 -27.28 14.54
N SER C 173 4.99 -27.51 14.25
CA SER C 173 4.56 -27.98 12.94
C SER C 173 3.41 -27.09 12.48
N PRO C 174 3.52 -26.42 11.32
CA PRO C 174 4.68 -26.44 10.41
C PRO C 174 5.84 -25.69 11.03
N MET C 175 7.06 -25.93 10.53
CA MET C 175 8.24 -25.40 11.19
C MET C 175 8.24 -23.88 11.23
N LEU C 176 8.65 -23.33 12.37
CA LEU C 176 8.83 -21.90 12.55
C LEU C 176 10.14 -21.47 11.90
N THR C 177 10.24 -20.19 11.58
CA THR C 177 11.47 -19.68 10.98
C THR C 177 12.62 -19.74 12.00
N PRO C 178 13.86 -19.87 11.52
CA PRO C 178 15.01 -19.88 12.45
C PRO C 178 15.08 -18.70 13.41
N ALA C 179 14.70 -17.50 12.95
CA ALA C 179 14.70 -16.35 13.84
C ALA C 179 13.65 -16.49 14.93
N GLN C 180 12.45 -16.96 14.55
CA GLN C 180 11.37 -17.13 15.51
C GLN C 180 11.67 -18.21 16.53
N LEU C 181 12.39 -19.27 16.12
CA LEU C 181 12.78 -20.30 17.09
C LEU C 181 13.75 -19.74 18.13
N ARG C 182 14.70 -18.88 17.70
CA ARG C 182 15.67 -18.36 18.66
C ARG C 182 15.02 -17.41 19.66
N GLU C 183 13.97 -16.72 19.26
CA GLU C 183 13.21 -15.85 20.16
C GLU C 183 12.03 -16.55 20.81
N PHE C 184 11.85 -17.85 20.59
CA PHE C 184 10.74 -18.59 21.19
C PHE C 184 10.97 -18.73 22.71
N PRO C 185 9.92 -18.57 23.52
CA PRO C 185 10.02 -18.65 25.00
C PRO C 185 9.97 -20.08 25.54
N TRP C 186 11.08 -20.81 25.34
CA TRP C 186 11.11 -22.22 25.70
C TRP C 186 10.99 -22.45 27.21
N LYS C 187 11.35 -21.45 28.03
CA LYS C 187 11.24 -21.58 29.49
C LYS C 187 9.81 -21.88 29.94
N HIS C 188 8.81 -21.51 29.15
CA HIS C 188 7.40 -21.77 29.44
C HIS C 188 6.95 -23.17 29.00
N LEU C 189 7.85 -23.97 28.43
CA LEU C 189 7.53 -25.25 27.83
C LEU C 189 7.91 -26.40 28.75
N SER C 190 6.97 -27.31 29.00
CA SER C 190 7.26 -28.54 29.73
C SER C 190 7.72 -29.68 28.82
N TRP C 191 7.16 -29.80 27.61
CA TRP C 191 7.51 -30.87 26.70
C TRP C 191 7.56 -30.36 25.27
N LEU C 192 8.63 -30.71 24.56
CA LEU C 192 8.74 -30.45 23.13
C LEU C 192 8.67 -31.80 22.40
N ILE C 193 7.66 -31.96 21.54
CA ILE C 193 7.47 -33.16 20.75
C ILE C 193 7.81 -32.83 19.30
N VAL C 194 8.75 -33.58 18.72
CA VAL C 194 9.22 -33.39 17.35
C VAL C 194 9.50 -34.76 16.76
N ASN C 195 9.64 -34.79 15.43
CA ASN C 195 10.12 -35.97 14.72
C ASN C 195 11.59 -35.77 14.35
N GLU C 196 12.17 -36.81 13.71
CA GLU C 196 13.61 -36.81 13.47
C GLU C 196 14.05 -35.61 12.64
N GLY C 197 13.21 -35.17 11.71
CA GLY C 197 13.54 -34.03 10.88
C GLY C 197 13.38 -32.69 11.58
N GLU C 198 12.34 -32.57 12.40
CA GLU C 198 12.12 -31.33 13.14
C GLU C 198 13.18 -31.12 14.21
N LEU C 199 13.62 -32.20 14.84
CA LEU C 199 14.74 -32.11 15.78
C LEU C 199 15.96 -31.46 15.14
N GLY C 200 16.24 -31.80 13.88
CA GLY C 200 17.35 -31.20 13.17
C GLY C 200 17.11 -29.75 12.82
N ASP C 201 15.87 -29.37 12.53
CA ASP C 201 15.57 -28.00 12.15
C ASP C 201 15.85 -27.04 13.30
N LEU C 202 15.53 -27.45 14.53
CA LEU C 202 15.87 -26.62 15.68
C LEU C 202 17.37 -26.47 15.80
N LEU C 203 18.10 -27.59 15.70
CA LEU C 203 19.56 -27.54 15.85
C LEU C 203 20.18 -26.62 14.81
N LEU C 204 19.65 -26.64 13.57
CA LEU C 204 20.19 -25.77 12.52
C LEU C 204 19.98 -24.30 12.85
N ALA C 205 18.80 -23.94 13.35
CA ALA C 205 18.56 -22.56 13.77
C ALA C 205 19.46 -22.15 14.92
N PHE C 206 19.99 -23.11 15.67
CA PHE C 206 20.75 -22.85 16.88
C PHE C 206 22.26 -22.96 16.67
N GLY C 207 22.72 -23.01 15.42
CA GLY C 207 24.13 -22.95 15.11
C GLY C 207 24.90 -24.26 15.11
N SER C 208 24.21 -25.41 15.10
CA SER C 208 24.90 -26.69 15.19
C SER C 208 25.46 -27.11 13.83
N LYS C 216 22.23 -42.28 8.54
CA LYS C 216 21.86 -43.56 7.94
C LYS C 216 20.84 -44.28 8.82
N GLU C 217 20.07 -45.19 8.21
CA GLU C 217 18.98 -45.86 8.94
C GLU C 217 19.51 -46.63 10.14
N ASP C 218 20.67 -47.28 10.00
CA ASP C 218 21.26 -47.99 11.13
C ASP C 218 21.69 -47.03 12.23
N GLU C 219 22.17 -45.85 11.85
CA GLU C 219 22.63 -44.83 12.79
C GLU C 219 21.52 -43.93 13.31
N LEU C 220 20.30 -44.04 12.76
CA LEU C 220 19.24 -43.07 13.01
C LEU C 220 18.99 -42.88 14.51
N GLN C 221 18.71 -43.97 15.22
CA GLN C 221 18.46 -43.87 16.66
C GLN C 221 19.63 -43.22 17.38
N ALA C 222 20.86 -43.64 17.04
CA ALA C 222 22.04 -43.12 17.72
C ALA C 222 22.24 -41.63 17.39
N LYS C 223 22.05 -41.26 16.12
CA LYS C 223 22.25 -39.87 15.72
C LYS C 223 21.18 -38.97 16.31
N ALA C 224 19.95 -39.46 16.43
CA ALA C 224 18.87 -38.66 17.00
C ALA C 224 18.99 -38.58 18.52
N SER C 225 19.44 -39.65 19.18
CA SER C 225 19.68 -39.60 20.62
C SER C 225 20.69 -38.52 20.97
N ALA C 226 21.72 -38.37 20.15
CA ALA C 226 22.70 -37.33 20.37
C ALA C 226 22.11 -35.94 20.11
N GLY C 227 21.24 -35.84 19.10
CA GLY C 227 20.65 -34.55 18.78
C GLY C 227 19.80 -34.01 19.91
N ILE C 228 19.07 -34.89 20.61
CA ILE C 228 18.28 -34.45 21.76
C ILE C 228 19.20 -33.96 22.87
N LEU C 229 20.22 -34.77 23.21
CA LEU C 229 21.15 -34.38 24.26
C LEU C 229 21.79 -33.03 23.95
N GLU C 230 22.15 -32.80 22.68
CA GLU C 230 22.75 -31.53 22.31
C GLU C 230 21.78 -30.38 22.49
N LEU C 231 20.51 -30.59 22.11
CA LEU C 231 19.52 -29.53 22.22
C LEU C 231 19.32 -29.10 23.67
N HIS C 232 19.35 -30.07 24.60
CA HIS C 232 19.15 -29.75 26.01
C HIS C 232 20.14 -28.70 26.50
N GLU C 233 21.41 -28.84 26.12
CA GLU C 233 22.47 -27.95 26.58
C GLU C 233 22.76 -26.80 25.61
N ASN C 234 21.90 -26.58 24.62
CA ASN C 234 22.09 -25.48 23.70
C ASN C 234 21.63 -24.18 24.35
N ASP C 235 22.40 -23.11 24.12
CA ASP C 235 22.16 -21.84 24.81
C ASP C 235 20.82 -21.22 24.39
N TYR C 236 20.47 -21.31 23.10
CA TYR C 236 19.21 -20.73 22.62
C TYR C 236 17.98 -21.41 23.21
N PHE C 237 18.13 -22.65 23.68
CA PHE C 237 17.04 -23.46 24.21
C PHE C 237 16.91 -23.22 25.72
N SER C 238 16.15 -24.07 26.41
CA SER C 238 16.10 -24.10 27.86
C SER C 238 16.37 -25.52 28.35
N LYS C 239 16.96 -25.61 29.54
CA LYS C 239 17.36 -26.89 30.09
C LYS C 239 16.24 -27.61 30.84
N ASN C 240 15.10 -26.96 31.05
CA ASN C 240 13.98 -27.55 31.79
C ASN C 240 12.95 -28.18 30.86
N VAL C 241 13.23 -28.24 29.56
CA VAL C 241 12.28 -28.73 28.59
C VAL C 241 12.54 -30.21 28.33
N GLY C 242 11.56 -31.06 28.60
CA GLY C 242 11.63 -32.43 28.15
C GLY C 242 11.44 -32.54 26.65
N ILE C 243 12.12 -33.50 26.03
CA ILE C 243 12.13 -33.65 24.59
C ILE C 243 11.71 -35.07 24.22
N ILE C 244 10.69 -35.16 23.38
CA ILE C 244 10.28 -36.42 22.75
C ILE C 244 10.56 -36.29 21.26
N CYS C 245 11.29 -37.26 20.71
CA CYS C 245 11.54 -37.33 19.29
C CYS C 245 10.92 -38.62 18.77
N THR C 246 9.88 -38.49 17.95
CA THR C 246 9.27 -39.65 17.33
C THR C 246 10.07 -40.06 16.09
N LEU C 247 10.17 -41.36 15.86
CA LEU C 247 10.99 -41.88 14.78
C LEU C 247 10.18 -42.73 13.81
N GLY C 248 8.89 -42.42 13.71
CA GLY C 248 8.03 -43.16 12.81
C GLY C 248 8.02 -44.63 13.18
N ALA C 249 8.32 -45.48 12.20
CA ALA C 249 8.30 -46.93 12.43
C ALA C 249 9.44 -47.38 13.33
N LYS C 250 10.44 -46.54 13.59
CA LYS C 250 11.55 -46.92 14.47
C LYS C 250 11.22 -46.74 15.94
N GLY C 251 10.13 -46.06 16.28
CA GLY C 251 9.76 -45.91 17.67
C GLY C 251 9.84 -44.46 18.13
N ILE C 252 10.23 -44.26 19.39
CA ILE C 252 10.34 -42.92 19.95
C ILE C 252 11.61 -42.82 20.80
N LEU C 253 12.13 -41.60 20.91
CA LEU C 253 13.17 -41.26 21.87
C LEU C 253 12.60 -40.27 22.87
N CYS C 254 12.96 -40.41 24.14
CA CYS C 254 12.39 -39.57 25.19
C CYS C 254 13.47 -39.20 26.19
N TYR C 255 13.63 -37.90 26.42
CA TYR C 255 14.68 -37.38 27.31
C TYR C 255 14.08 -36.45 28.35
N GLU C 256 14.08 -36.88 29.61
CA GLU C 256 13.80 -35.99 30.74
C GLU C 256 15.05 -35.20 31.09
N PRO C 257 14.91 -33.89 31.34
CA PRO C 257 16.10 -33.05 31.54
C PRO C 257 16.99 -33.57 32.66
N GLY C 258 18.28 -33.73 32.34
CA GLY C 258 19.26 -34.20 33.29
C GLY C 258 19.28 -35.69 33.56
N LYS C 259 18.48 -36.47 32.83
CA LYS C 259 18.45 -37.92 32.92
C LYS C 259 19.10 -38.53 31.68
N GLU C 260 18.75 -39.78 31.37
CA GLU C 260 19.24 -40.48 30.20
C GLU C 260 18.15 -40.60 29.14
N VAL C 261 18.56 -40.69 27.88
CA VAL C 261 17.63 -40.77 26.77
C VAL C 261 17.13 -42.20 26.64
N GLY C 262 15.81 -42.38 26.64
CA GLY C 262 15.20 -43.69 26.54
C GLY C 262 14.69 -43.93 25.13
N TYR C 263 14.80 -45.17 24.68
CA TYR C 263 14.26 -45.61 23.41
C TYR C 263 13.14 -46.61 23.64
N LEU C 264 12.00 -46.37 23.00
CA LEU C 264 10.91 -47.33 22.99
C LEU C 264 10.54 -47.71 21.56
N PRO C 265 10.45 -48.99 21.25
CA PRO C 265 10.06 -49.39 19.89
C PRO C 265 8.58 -49.16 19.63
N ALA C 266 8.26 -49.00 18.34
CA ALA C 266 6.89 -48.87 17.89
C ALA C 266 6.10 -50.16 18.16
N ALA C 267 4.78 -50.01 18.30
CA ALA C 267 3.92 -51.13 18.62
C ALA C 267 3.86 -52.12 17.46
N LYS C 268 3.78 -53.41 17.80
CA LYS C 268 3.65 -54.43 16.77
C LYS C 268 2.32 -54.25 16.04
N LEU C 269 2.40 -54.04 14.73
CA LEU C 269 1.20 -53.77 13.95
C LEU C 269 0.42 -55.05 13.72
N GLN C 270 -0.90 -54.95 13.81
CA GLN C 270 -1.79 -56.06 13.53
C GLN C 270 -2.51 -55.92 12.19
N ASN C 271 -2.28 -54.82 11.47
CA ASN C 271 -2.96 -54.57 10.21
C ASN C 271 -2.05 -53.69 9.36
N PRO C 272 -2.29 -53.59 8.06
CA PRO C 272 -1.42 -52.76 7.23
C PRO C 272 -1.51 -51.30 7.60
N VAL C 273 -0.36 -50.62 7.48
CA VAL C 273 -0.30 -49.17 7.56
C VAL C 273 -1.11 -48.59 6.41
N LYS C 274 -2.24 -47.97 6.74
CA LYS C 274 -3.01 -47.27 5.73
C LYS C 274 -2.58 -45.82 5.59
N ASP C 275 -2.23 -45.15 6.69
CA ASP C 275 -2.03 -43.72 6.65
C ASP C 275 -1.33 -43.23 7.92
N THR C 276 -0.15 -42.60 7.78
CA THR C 276 0.60 -42.14 8.94
C THR C 276 0.36 -40.68 9.29
N THR C 277 -0.44 -39.97 8.49
CA THR C 277 -0.78 -38.60 8.87
C THR C 277 -1.55 -38.64 10.20
N GLY C 278 -1.33 -37.64 11.03
CA GLY C 278 -1.97 -37.59 12.32
C GLY C 278 -1.39 -38.55 13.35
N ALA C 279 -0.36 -39.31 13.00
CA ALA C 279 0.25 -40.22 13.96
C ALA C 279 0.88 -39.43 15.10
N GLY C 280 1.50 -38.30 14.79
CA GLY C 280 2.10 -37.48 15.83
C GLY C 280 1.08 -36.71 16.63
N ASP C 281 -0.01 -36.29 15.99
CA ASP C 281 -1.11 -35.68 16.72
C ASP C 281 -1.77 -36.69 17.66
N CYS C 282 -1.88 -37.94 17.21
CA CYS C 282 -2.36 -39.00 18.10
C CYS C 282 -1.42 -39.17 19.29
N PHE C 283 -0.11 -39.16 19.03
CA PHE C 283 0.87 -39.28 20.11
C PHE C 283 0.77 -38.12 21.11
N ALA C 284 0.72 -36.89 20.63
CA ALA C 284 0.70 -35.74 21.53
C ALA C 284 -0.51 -35.76 22.45
N GLY C 285 -1.70 -35.95 21.87
CA GLY C 285 -2.91 -35.96 22.70
C GLY C 285 -2.93 -37.09 23.71
N TYR C 286 -2.55 -38.29 23.28
CA TYR C 286 -2.46 -39.39 24.22
C TYR C 286 -1.34 -39.18 25.24
N PHE C 287 -0.34 -38.37 24.89
CA PHE C 287 0.71 -38.08 25.86
C PHE C 287 0.20 -37.15 26.95
N VAL C 288 -0.44 -36.05 26.56
CA VAL C 288 -1.01 -35.12 27.53
C VAL C 288 -2.06 -35.82 28.40
N ALA C 289 -2.89 -36.67 27.80
CA ALA C 289 -3.93 -37.34 28.56
C ALA C 289 -3.35 -38.34 29.56
N GLY C 290 -2.26 -39.01 29.17
CA GLY C 290 -1.60 -39.91 30.11
C GLY C 290 -0.98 -39.16 31.26
N LEU C 291 -0.45 -37.97 31.01
CA LEU C 291 -0.01 -37.10 32.09
C LEU C 291 -1.19 -36.68 32.97
N MET C 292 -2.30 -36.27 32.33
CA MET C 292 -3.43 -35.74 33.10
C MET C 292 -4.02 -36.78 34.02
N SER C 293 -3.99 -38.04 33.63
CA SER C 293 -4.46 -39.15 34.45
C SER C 293 -3.46 -39.53 35.52
N GLY C 294 -2.30 -38.88 35.55
CA GLY C 294 -1.30 -39.21 36.54
C GLY C 294 -0.57 -40.51 36.28
N LYS C 295 -0.64 -41.04 35.06
CA LYS C 295 0.15 -42.21 34.73
C LYS C 295 1.63 -41.87 34.78
N SER C 296 2.44 -42.89 35.02
CA SER C 296 3.88 -42.72 34.91
C SER C 296 4.24 -42.33 33.48
N LEU C 297 5.35 -41.60 33.34
CA LEU C 297 5.81 -41.20 32.01
C LEU C 297 5.96 -42.41 31.11
N GLN C 298 6.59 -43.47 31.61
CA GLN C 298 6.81 -44.66 30.80
C GLN C 298 5.49 -45.35 30.44
N ASP C 299 4.52 -45.36 31.36
CA ASP C 299 3.22 -45.95 31.03
C ASP C 299 2.42 -45.04 30.11
N ALA C 300 2.56 -43.72 30.25
CA ALA C 300 1.95 -42.82 29.30
C ALA C 300 2.57 -43.00 27.92
N LEU C 301 3.90 -43.13 27.87
CA LEU C 301 4.58 -43.34 26.60
C LEU C 301 4.20 -44.67 25.97
N LYS C 302 4.09 -45.73 26.79
CA LYS C 302 3.73 -47.04 26.25
C LYS C 302 2.32 -47.02 25.66
N THR C 303 1.39 -46.32 26.33
CA THR C 303 0.03 -46.20 25.83
C THR C 303 -0.01 -45.41 24.53
N CYS C 304 0.84 -44.38 24.40
CA CYS C 304 0.94 -43.65 23.15
C CYS C 304 1.29 -44.59 22.00
N LEU C 305 2.27 -45.47 22.22
CA LEU C 305 2.76 -46.32 21.14
C LEU C 305 1.70 -47.28 20.66
N VAL C 306 0.90 -47.84 21.57
CA VAL C 306 -0.17 -48.74 21.14
C VAL C 306 -1.28 -47.95 20.45
N ALA C 307 -1.63 -46.78 20.98
CA ALA C 307 -2.63 -45.95 20.32
C ALA C 307 -2.17 -45.53 18.93
N CYS C 308 -0.89 -45.12 18.80
CA CYS C 308 -0.38 -44.78 17.48
C CYS C 308 -0.32 -45.98 16.56
N GLY C 309 -0.09 -47.18 17.10
CA GLY C 309 -0.15 -48.37 16.28
C GLY C 309 -1.51 -48.54 15.63
N ILE C 310 -2.58 -48.43 16.43
CA ILE C 310 -3.93 -48.52 15.87
C ILE C 310 -4.15 -47.38 14.89
N CYS C 311 -3.59 -46.20 15.19
CA CYS C 311 -3.88 -45.00 14.42
C CYS C 311 -3.41 -45.09 12.98
N VAL C 312 -2.19 -45.60 12.76
CA VAL C 312 -1.67 -45.69 11.40
C VAL C 312 -2.32 -46.79 10.59
N GLU C 313 -3.07 -47.70 11.24
CA GLU C 313 -3.77 -48.77 10.56
C GLU C 313 -5.09 -48.32 9.95
N ASN C 314 -5.51 -47.08 10.20
CA ASN C 314 -6.82 -46.63 9.77
C ASN C 314 -6.68 -45.35 8.98
N GLU C 315 -7.61 -45.17 8.04
CA GLU C 315 -7.57 -43.99 7.18
C GLU C 315 -8.19 -42.82 7.92
N GLY C 316 -7.59 -41.65 7.74
CA GLY C 316 -8.06 -40.42 8.34
C GLY C 316 -7.14 -39.95 9.46
N ALA C 317 -7.36 -38.71 9.86
CA ALA C 317 -6.57 -38.06 10.91
C ALA C 317 -7.25 -38.25 12.26
N MET C 318 -8.32 -37.49 12.51
CA MET C 318 -9.06 -37.62 13.76
C MET C 318 -9.66 -39.01 13.91
N GLU C 319 -10.36 -39.47 12.87
CA GLU C 319 -11.12 -40.71 12.97
C GLU C 319 -10.23 -41.91 13.24
N SER C 320 -8.97 -41.87 12.84
CA SER C 320 -8.11 -43.02 13.05
C SER C 320 -7.65 -43.13 14.51
N VAL C 321 -7.81 -42.08 15.31
CA VAL C 321 -7.33 -42.08 16.69
C VAL C 321 -8.19 -43.02 17.52
N PRO C 322 -7.59 -44.04 18.15
CA PRO C 322 -8.40 -45.01 18.89
C PRO C 322 -8.83 -44.50 20.25
N THR C 323 -9.95 -45.04 20.70
CA THR C 323 -10.39 -44.80 22.06
C THR C 323 -9.59 -45.66 23.02
N LEU C 324 -9.58 -45.24 24.29
CA LEU C 324 -8.81 -45.93 25.31
C LEU C 324 -9.22 -47.40 25.41
N ASN C 325 -10.53 -47.68 25.35
CA ASN C 325 -10.97 -49.08 25.41
C ASN C 325 -10.40 -49.91 24.28
N ALA C 326 -10.38 -49.36 23.07
CA ALA C 326 -9.77 -50.08 21.95
C ALA C 326 -8.28 -50.31 22.20
N VAL C 327 -7.60 -49.34 22.82
CA VAL C 327 -6.19 -49.49 23.17
C VAL C 327 -6.01 -50.59 24.18
N LYS C 328 -6.91 -50.68 25.16
CA LYS C 328 -6.80 -51.74 26.14
C LYS C 328 -7.14 -53.09 25.53
N GLU C 329 -8.07 -53.12 24.57
CA GLU C 329 -8.39 -54.37 23.89
C GLU C 329 -7.20 -54.90 23.10
N ARG C 330 -6.38 -54.00 22.55
CA ARG C 330 -5.18 -54.46 21.85
C ARG C 330 -4.14 -55.03 22.81
N LEU C 331 -4.16 -54.65 24.08
CA LEU C 331 -3.17 -55.17 25.03
C LEU C 331 -3.62 -56.47 25.72
N SER D 12 23.44 63.24 21.57
CA SER D 12 22.90 62.89 20.27
C SER D 12 21.88 61.75 20.37
N SER D 13 20.78 61.90 19.64
CA SER D 13 19.61 61.08 19.85
C SER D 13 19.74 59.69 19.23
N ARG D 14 19.10 58.72 19.87
CA ARG D 14 19.10 57.35 19.40
C ARG D 14 17.76 56.74 19.77
N CYS D 15 17.14 56.07 18.80
CA CYS D 15 15.81 55.50 18.97
C CYS D 15 15.90 53.99 19.03
N LEU D 16 15.11 53.39 19.92
CA LEU D 16 14.97 51.96 19.98
C LEU D 16 13.57 51.58 19.53
N VAL D 17 13.47 50.72 18.51
CA VAL D 17 12.20 50.18 18.08
C VAL D 17 12.07 48.77 18.64
N ARG D 18 11.05 48.57 19.46
CA ARG D 18 10.71 47.25 19.99
C ARG D 18 9.48 46.80 19.22
N GLY D 19 9.67 45.96 18.23
CA GLY D 19 8.58 45.66 17.33
C GLY D 19 8.89 44.49 16.42
N SER D 20 8.06 44.35 15.42
CA SER D 20 7.93 43.13 14.64
C SER D 20 8.70 43.18 13.33
N VAL D 21 9.03 41.99 12.83
CA VAL D 21 9.51 41.79 11.47
C VAL D 21 8.60 40.77 10.78
N ASN D 22 8.08 41.13 9.61
CA ASN D 22 7.22 40.24 8.83
C ASN D 22 7.75 40.09 7.41
N ILE D 23 7.67 38.87 6.90
CA ILE D 23 7.72 38.59 5.47
C ILE D 23 6.29 38.43 4.96
N ASP D 24 5.90 39.23 3.98
CA ASP D 24 4.61 39.08 3.33
C ASP D 24 4.79 38.17 2.13
N GLU D 25 3.93 37.15 2.00
CA GLU D 25 4.02 36.20 0.88
C GLU D 25 2.73 36.27 0.08
N PHE D 26 2.82 36.83 -1.12
CA PHE D 26 1.68 36.90 -2.02
C PHE D 26 1.70 35.69 -2.96
N PHE D 27 0.73 34.79 -2.81
CA PHE D 27 0.54 33.68 -3.74
C PHE D 27 -0.54 34.08 -4.71
N HIS D 28 -0.21 34.13 -5.99
CA HIS D 28 -1.17 34.44 -7.03
C HIS D 28 -1.93 33.18 -7.41
N LEU D 29 -3.24 33.24 -7.29
CA LEU D 29 -4.13 32.09 -7.42
C LEU D 29 -5.31 32.45 -8.31
N PRO D 30 -5.87 31.47 -9.02
CA PRO D 30 -7.13 31.74 -9.74
C PRO D 30 -8.23 32.21 -8.80
N HIS D 31 -8.38 31.52 -7.66
CA HIS D 31 -9.42 31.83 -6.69
C HIS D 31 -8.91 31.44 -5.31
N ILE D 32 -9.55 31.97 -4.28
CA ILE D 32 -9.19 31.63 -2.91
C ILE D 32 -9.44 30.15 -2.69
N VAL D 33 -8.46 29.47 -2.07
CA VAL D 33 -8.54 28.02 -1.91
C VAL D 33 -9.69 27.66 -0.98
N ARG D 34 -10.47 26.67 -1.37
CA ARG D 34 -11.64 26.20 -0.63
C ARG D 34 -11.27 25.01 0.25
N PRO D 35 -12.01 24.80 1.34
CA PRO D 35 -11.73 23.64 2.20
C PRO D 35 -11.78 22.33 1.43
N GLY D 36 -10.79 21.47 1.67
CA GLY D 36 -10.67 20.21 0.97
C GLY D 36 -9.99 20.31 -0.38
N GLU D 37 -9.65 21.51 -0.82
CA GLU D 37 -9.09 21.74 -2.15
C GLU D 37 -7.58 21.85 -2.10
N THR D 38 -6.92 21.28 -3.11
CA THR D 38 -5.53 21.55 -3.43
C THR D 38 -5.50 22.34 -4.73
N ILE D 39 -4.77 23.45 -4.73
CA ILE D 39 -4.69 24.34 -5.88
C ILE D 39 -3.26 24.84 -6.00
N SER D 40 -2.80 25.04 -7.25
CA SER D 40 -1.43 25.46 -7.53
C SER D 40 -1.42 26.96 -7.76
N SER D 41 -0.53 27.67 -7.04
CA SER D 41 -0.37 29.08 -7.32
C SER D 41 0.38 29.27 -8.63
N THR D 42 0.12 30.39 -9.30
CA THR D 42 0.75 30.72 -10.57
C THR D 42 1.90 31.73 -10.40
N GLY D 43 2.15 32.17 -9.18
CA GLY D 43 3.23 33.09 -8.94
C GLY D 43 3.30 33.41 -7.46
N LEU D 44 4.48 33.87 -7.04
CA LEU D 44 4.75 34.12 -5.63
C LEU D 44 5.57 35.40 -5.52
N THR D 45 5.07 36.35 -4.73
CA THR D 45 5.79 37.59 -4.48
C THR D 45 5.96 37.75 -2.98
N LYS D 46 7.18 38.11 -2.58
CA LYS D 46 7.55 38.36 -1.19
C LYS D 46 7.86 39.83 -0.98
N ARG D 47 7.40 40.37 0.14
CA ARG D 47 7.64 41.77 0.49
C ARG D 47 8.00 41.83 1.96
N ALA D 48 9.07 42.54 2.27
CA ALA D 48 9.46 42.74 3.67
C ALA D 48 8.51 43.71 4.34
N GLY D 49 8.18 43.43 5.58
CA GLY D 49 7.26 44.28 6.32
C GLY D 49 7.35 44.12 7.81
N GLY D 50 6.22 44.34 8.48
CA GLY D 50 6.19 44.35 9.93
C GLY D 50 6.25 45.78 10.42
N LYS D 51 5.41 46.13 11.39
CA LYS D 51 5.40 47.50 11.88
C LYS D 51 6.75 47.91 12.46
N GLY D 52 7.40 47.01 13.20
CA GLY D 52 8.70 47.34 13.73
C GLY D 52 9.71 47.61 12.64
N ALA D 53 9.87 46.65 11.73
CA ALA D 53 10.87 46.81 10.66
C ALA D 53 10.55 47.98 9.75
N ASN D 54 9.28 48.16 9.37
CA ASN D 54 8.92 49.29 8.52
C ASN D 54 9.30 50.61 9.19
N GLN D 55 8.87 50.81 10.43
CA GLN D 55 9.08 52.09 11.08
C GLN D 55 10.56 52.33 11.39
N ALA D 56 11.29 51.27 11.77
CA ALA D 56 12.73 51.39 11.96
C ALA D 56 13.42 51.81 10.67
N PHE D 57 13.02 51.21 9.55
CA PHE D 57 13.54 51.57 8.23
C PHE D 57 13.27 53.04 7.92
N ALA D 58 12.08 53.53 8.26
CA ALA D 58 11.76 54.93 8.01
C ALA D 58 12.61 55.85 8.85
N VAL D 59 12.80 55.53 10.14
CA VAL D 59 13.65 56.35 11.00
C VAL D 59 15.05 56.46 10.40
N ALA D 60 15.61 55.34 9.95
CA ALA D 60 16.95 55.39 9.39
C ALA D 60 16.97 56.17 8.09
N ARG D 61 15.98 55.95 7.21
CA ARG D 61 15.88 56.70 5.96
C ARG D 61 15.74 58.20 6.20
N ALA D 62 15.11 58.59 7.30
CA ALA D 62 14.97 60.00 7.63
C ALA D 62 16.23 60.60 8.24
N GLY D 63 17.26 59.78 8.48
CA GLY D 63 18.54 60.25 8.98
C GLY D 63 18.83 60.00 10.44
N GLY D 64 17.89 59.41 11.19
CA GLY D 64 18.11 59.22 12.60
C GLY D 64 18.81 57.91 12.92
N GLN D 65 19.46 57.89 14.07
CA GLN D 65 20.09 56.69 14.57
C GLN D 65 19.02 55.85 15.25
N VAL D 66 18.90 54.58 14.83
CA VAL D 66 17.81 53.73 15.28
C VAL D 66 18.33 52.32 15.40
N GLU D 67 17.79 51.58 16.37
CA GLU D 67 18.09 50.17 16.56
C GLU D 67 16.77 49.44 16.72
N LEU D 68 16.69 48.24 16.14
CA LEU D 68 15.48 47.42 16.20
C LEU D 68 15.71 46.27 17.18
N ASP D 69 14.76 46.07 18.08
CA ASP D 69 14.80 45.02 19.09
C ASP D 69 13.70 44.03 18.76
N GLY D 70 14.09 42.84 18.33
CA GLY D 70 13.10 41.83 17.97
C GLY D 70 13.77 40.57 17.51
N ALA D 71 13.00 39.72 16.84
CA ALA D 71 13.50 38.41 16.46
C ALA D 71 12.98 38.01 15.08
N ILE D 72 13.83 37.30 14.34
CA ILE D 72 13.47 36.73 13.07
C ILE D 72 13.90 35.27 13.09
N GLY D 73 13.48 34.54 12.05
CA GLY D 73 13.99 33.22 11.80
C GLY D 73 15.13 33.31 10.79
N ASP D 74 15.73 32.15 10.51
CA ASP D 74 16.77 32.10 9.50
C ASP D 74 16.26 32.56 8.14
N ASP D 75 15.00 32.29 7.84
CA ASP D 75 14.35 32.74 6.60
C ASP D 75 14.21 34.25 6.50
N GLY D 76 14.57 35.01 7.53
CA GLY D 76 14.41 36.46 7.51
C GLY D 76 15.70 37.24 7.40
N ILE D 77 16.84 36.57 7.20
CA ILE D 77 18.12 37.27 7.14
C ILE D 77 18.12 38.32 6.03
N TRP D 78 17.45 38.04 4.91
CA TRP D 78 17.43 39.01 3.81
C TRP D 78 16.72 40.30 4.21
N VAL D 79 15.79 40.24 5.16
CA VAL D 79 15.17 41.45 5.68
C VAL D 79 16.13 42.18 6.62
N LYS D 80 16.85 41.42 7.45
CA LYS D 80 17.87 42.02 8.32
C LYS D 80 18.90 42.78 7.50
N GLU D 81 19.36 42.19 6.39
CA GLU D 81 20.32 42.86 5.52
C GLU D 81 19.70 44.09 4.88
N MET D 82 18.42 44.01 4.55
CA MET D 82 17.73 45.17 3.99
C MET D 82 17.69 46.31 4.99
N LEU D 83 17.39 46.00 6.25
CA LEU D 83 17.41 47.02 7.31
C LEU D 83 18.82 47.56 7.50
N GLU D 84 19.81 46.67 7.57
CA GLU D 84 21.19 47.11 7.76
C GLU D 84 21.63 48.04 6.64
N SER D 85 21.26 47.72 5.41
CA SER D 85 21.66 48.55 4.28
C SER D 85 21.05 49.94 4.35
N ALA D 86 19.88 50.07 4.98
CA ALA D 86 19.23 51.37 5.18
C ALA D 86 19.75 52.10 6.40
N GLY D 87 20.62 51.49 7.19
CA GLY D 87 21.15 52.13 8.38
C GLY D 87 20.47 51.77 9.68
N VAL D 88 19.62 50.75 9.69
CA VAL D 88 19.01 50.24 10.91
C VAL D 88 20.06 49.43 11.67
N GLY D 89 20.22 49.75 12.96
CA GLY D 89 21.03 48.89 13.81
C GLY D 89 20.30 47.60 14.09
N THR D 90 20.95 46.47 13.80
CA THR D 90 20.29 45.18 13.91
C THR D 90 20.99 44.28 14.92
N ASP D 91 21.82 44.86 15.77
CA ASP D 91 22.58 44.07 16.73
C ASP D 91 21.66 43.38 17.73
N LYS D 92 20.50 43.97 18.00
CA LYS D 92 19.50 43.41 18.89
C LYS D 92 18.38 42.69 18.14
N LEU D 93 18.60 42.39 16.85
CA LEU D 93 17.65 41.61 16.07
C LEU D 93 18.12 40.16 16.13
N LYS D 94 17.49 39.38 17.00
CA LYS D 94 17.92 38.01 17.25
C LYS D 94 17.36 37.04 16.20
N ILE D 95 18.17 36.05 15.84
CA ILE D 95 17.73 34.94 15.00
C ILE D 95 17.36 33.77 15.90
N VAL D 96 16.10 33.36 15.86
CA VAL D 96 15.62 32.24 16.66
C VAL D 96 15.56 31.00 15.78
N LYS D 97 16.38 29.99 16.11
CA LYS D 97 16.28 28.70 15.46
C LYS D 97 14.93 28.06 15.74
N ASP D 98 14.43 27.29 14.78
CA ASP D 98 13.21 26.51 14.90
C ASP D 98 11.95 27.38 14.98
N GLU D 99 12.07 28.67 14.69
CA GLU D 99 10.93 29.53 14.45
C GLU D 99 11.13 30.22 13.13
N VAL D 100 10.04 30.62 12.49
CA VAL D 100 10.13 31.36 11.24
C VAL D 100 9.89 32.83 11.53
N THR D 101 10.41 33.66 10.64
CA THR D 101 10.10 35.08 10.67
C THR D 101 8.59 35.24 10.61
N GLY D 102 8.07 36.28 11.26
CA GLY D 102 6.65 36.51 11.17
C GLY D 102 6.23 36.53 9.72
N ARG D 103 5.06 35.97 9.45
CA ARG D 103 4.64 35.74 8.08
C ARG D 103 3.21 36.21 7.90
N ALA D 104 2.93 36.77 6.73
CA ALA D 104 1.57 36.97 6.27
C ALA D 104 1.47 36.18 4.97
N VAL D 105 0.66 35.13 4.99
CA VAL D 105 0.38 34.34 3.79
C VAL D 105 -0.85 34.94 3.15
N ILE D 106 -0.67 35.60 2.02
CA ILE D 106 -1.74 36.34 1.35
C ILE D 106 -2.08 35.61 0.07
N GLN D 107 -3.37 35.29 -0.10
CA GLN D 107 -3.87 34.72 -1.35
C GLN D 107 -4.39 35.85 -2.22
N SER D 108 -3.67 36.15 -3.30
CA SER D 108 -4.07 37.17 -4.26
C SER D 108 -4.83 36.50 -5.41
N ALA D 109 -6.16 36.50 -5.32
CA ALA D 109 -6.98 35.83 -6.31
C ALA D 109 -7.22 36.69 -7.54
N ALA D 110 -7.39 36.03 -8.69
CA ALA D 110 -7.77 36.71 -9.92
C ALA D 110 -9.20 37.24 -9.86
N ASP D 111 -10.04 36.70 -8.98
CA ASP D 111 -11.32 37.30 -8.69
C ASP D 111 -11.16 38.72 -8.18
N GLY D 112 -9.98 39.04 -7.65
CA GLY D 112 -9.72 40.26 -6.94
C GLY D 112 -9.81 40.09 -5.44
N GLU D 113 -10.61 39.13 -4.99
CA GLU D 113 -10.75 38.87 -3.57
C GLU D 113 -9.44 38.38 -2.99
N ASN D 114 -9.11 38.86 -1.79
CA ASN D 114 -7.89 38.47 -1.10
C ASN D 114 -8.22 37.86 0.25
N SER D 115 -7.31 37.04 0.74
CA SER D 115 -7.43 36.38 2.03
C SER D 115 -6.03 36.30 2.63
N ILE D 116 -5.94 36.58 3.93
CA ILE D 116 -4.68 36.67 4.66
C ILE D 116 -4.67 35.67 5.79
N VAL D 117 -3.52 35.02 6.00
CA VAL D 117 -3.24 34.23 7.20
C VAL D 117 -2.04 34.87 7.88
N LEU D 118 -2.19 35.24 9.15
CA LEU D 118 -1.09 35.83 9.90
C LEU D 118 -0.48 34.77 10.80
N HIS D 119 0.84 34.72 10.84
CA HIS D 119 1.56 33.83 11.74
C HIS D 119 2.58 34.64 12.50
N ALA D 120 2.42 34.70 13.83
CA ALA D 120 3.27 35.56 14.63
C ALA D 120 4.73 35.18 14.49
N GLY D 121 5.02 33.87 14.54
CA GLY D 121 6.38 33.38 14.44
C GLY D 121 7.32 33.96 15.48
N ALA D 122 8.53 34.29 15.02
CA ALA D 122 9.58 34.79 15.91
C ALA D 122 9.25 36.15 16.52
N ASN D 123 8.27 36.87 15.98
CA ASN D 123 7.84 38.11 16.60
C ASN D 123 7.33 37.88 18.02
N TYR D 124 6.87 36.67 18.33
CA TYR D 124 6.34 36.36 19.65
C TYR D 124 7.31 35.54 20.50
N TYR D 125 8.58 35.44 20.09
CA TYR D 125 9.57 34.74 20.88
C TYR D 125 9.85 35.50 22.17
N LEU D 126 9.69 34.82 23.30
CA LEU D 126 9.98 35.42 24.60
C LEU D 126 11.01 34.57 25.34
N PRO D 127 12.26 35.06 25.52
CA PRO D 127 13.32 34.31 26.22
C PRO D 127 13.01 34.10 27.69
N THR D 133 16.90 44.73 29.18
CA THR D 133 17.53 45.63 28.21
C THR D 133 17.72 47.01 28.80
N SER D 134 18.95 47.50 28.81
CA SER D 134 19.21 48.86 29.28
C SER D 134 18.79 49.85 28.20
N LEU D 135 18.05 50.89 28.60
CA LEU D 135 17.65 51.94 27.69
C LEU D 135 18.49 53.20 27.85
N ALA D 136 19.60 53.12 28.60
CA ALA D 136 20.34 54.32 28.96
C ALA D 136 20.97 54.99 27.74
N THR D 137 21.28 54.23 26.70
CA THR D 137 21.88 54.81 25.50
C THR D 137 20.86 55.37 24.54
N TYR D 138 19.56 55.28 24.86
CA TYR D 138 18.49 55.69 23.98
C TYR D 138 17.75 56.89 24.53
N THR D 139 17.30 57.76 23.62
CA THR D 139 16.47 58.90 23.97
C THR D 139 15.02 58.75 23.55
N HIS D 140 14.72 57.85 22.60
CA HIS D 140 13.36 57.65 22.10
C HIS D 140 13.02 56.17 22.02
N LEU D 141 11.77 55.84 22.32
CA LEU D 141 11.26 54.48 22.24
C LEU D 141 10.07 54.45 21.31
N LEU D 142 10.10 53.55 20.33
CA LEU D 142 9.03 53.34 19.36
C LEU D 142 8.49 51.93 19.52
N VAL D 143 7.19 51.82 19.77
CA VAL D 143 6.55 50.52 19.98
C VAL D 143 5.22 50.48 19.24
N GLN D 144 4.78 49.26 18.94
CA GLN D 144 3.47 49.01 18.34
C GLN D 144 2.84 47.84 19.10
N ASN D 145 1.98 47.07 18.45
CA ASN D 145 1.37 45.93 19.14
C ASN D 145 1.50 44.63 18.34
N GLU D 146 2.60 44.44 17.61
CA GLU D 146 2.78 43.20 16.86
C GLU D 146 3.73 42.22 17.55
N VAL D 147 4.15 42.52 18.78
CA VAL D 147 4.93 41.60 19.61
C VAL D 147 4.08 41.34 20.84
N PRO D 148 4.46 40.46 21.77
CA PRO D 148 3.67 40.29 22.99
C PRO D 148 3.50 41.59 23.77
N LEU D 149 2.25 41.86 24.19
CA LEU D 149 1.97 43.11 24.89
C LEU D 149 2.80 43.26 26.17
N SER D 150 3.08 42.15 26.87
CA SER D 150 3.95 42.24 28.03
C SER D 150 5.31 42.83 27.67
N SER D 151 5.85 42.44 26.53
CA SER D 151 7.13 43.01 26.10
C SER D 151 6.99 44.51 25.84
N THR D 152 5.97 44.91 25.08
CA THR D 152 5.74 46.33 24.83
C THR D 152 5.50 47.09 26.15
N LEU D 153 4.65 46.53 27.02
CA LEU D 153 4.42 47.17 28.32
C LEU D 153 5.72 47.31 29.09
N ALA D 154 6.52 46.25 29.14
CA ALA D 154 7.76 46.32 29.90
C ALA D 154 8.70 47.37 29.32
N TYR D 155 8.78 47.46 28.01
CA TYR D 155 9.64 48.48 27.41
C TYR D 155 9.07 49.87 27.65
N LEU D 156 7.75 50.03 27.53
CA LEU D 156 7.15 51.34 27.74
C LEU D 156 7.34 51.79 29.18
N THR D 157 7.14 50.87 30.13
CA THR D 157 7.35 51.19 31.54
C THR D 157 8.80 51.58 31.81
N ALA D 158 9.73 50.87 31.18
CA ALA D 158 11.16 51.17 31.38
C ALA D 158 11.51 52.53 30.82
N ALA D 159 10.95 52.90 29.67
CA ALA D 159 11.22 54.23 29.12
C ALA D 159 10.72 55.32 30.05
N GLY D 160 9.55 55.12 30.66
CA GLY D 160 8.96 56.16 31.50
C GLY D 160 9.58 56.26 32.87
N GLN D 161 10.12 55.16 33.39
CA GLN D 161 10.75 55.15 34.70
C GLN D 161 12.24 55.44 34.62
N SER D 162 12.73 55.93 33.49
CA SER D 162 14.14 56.24 33.32
C SER D 162 14.43 57.67 33.79
N SER D 163 15.72 57.96 33.98
CA SER D 163 16.16 59.27 34.45
C SER D 163 17.13 59.89 33.44
N PRO D 164 16.67 60.81 32.58
CA PRO D 164 15.30 61.29 32.44
C PRO D 164 14.41 60.33 31.65
N PRO D 165 13.10 60.48 31.74
CA PRO D 165 12.20 59.61 30.98
C PRO D 165 12.42 59.75 29.48
N LEU D 166 12.31 58.63 28.78
CA LEU D 166 12.45 58.60 27.33
C LEU D 166 11.19 59.12 26.65
N THR D 167 11.39 59.73 25.49
CA THR D 167 10.27 60.08 24.62
C THR D 167 9.76 58.80 23.96
N SER D 168 8.54 58.38 24.29
CA SER D 168 8.00 57.13 23.77
C SER D 168 6.80 57.41 22.85
N VAL D 169 6.76 56.67 21.75
CA VAL D 169 5.74 56.79 20.71
C VAL D 169 5.11 55.43 20.52
N PHE D 170 3.78 55.38 20.54
CA PHE D 170 3.03 54.13 20.53
C PHE D 170 2.02 54.15 19.40
N ASN D 171 1.99 53.08 18.62
CA ASN D 171 1.06 52.91 17.50
C ASN D 171 0.26 51.65 17.78
N PRO D 172 -1.00 51.75 18.25
CA PRO D 172 -1.72 50.55 18.70
C PRO D 172 -2.28 49.70 17.57
N SER D 173 -1.37 49.14 16.78
CA SER D 173 -1.72 48.33 15.61
C SER D 173 -0.95 47.02 15.68
N PRO D 174 -1.65 45.87 15.70
CA PRO D 174 -3.11 45.82 15.68
C PRO D 174 -3.76 46.26 16.99
N MET D 175 -5.03 46.65 16.89
CA MET D 175 -5.71 47.27 18.02
C MET D 175 -5.76 46.33 19.22
N LEU D 176 -5.56 46.91 20.42
CA LEU D 176 -5.69 46.17 21.66
C LEU D 176 -7.16 46.03 22.04
N THR D 177 -7.42 45.03 22.89
CA THR D 177 -8.76 44.79 23.36
C THR D 177 -9.23 45.95 24.25
N PRO D 178 -10.56 46.14 24.36
CA PRO D 178 -11.05 47.19 25.29
C PRO D 178 -10.49 47.04 26.69
N ALA D 179 -10.35 45.80 27.17
CA ALA D 179 -9.76 45.57 28.49
C ALA D 179 -8.30 45.98 28.51
N GLN D 180 -7.57 45.67 27.44
CA GLN D 180 -6.16 46.04 27.38
C GLN D 180 -6.00 47.56 27.30
N LEU D 181 -6.87 48.21 26.54
CA LEU D 181 -6.80 49.67 26.37
C LEU D 181 -7.07 50.39 27.68
N ARG D 182 -8.04 49.91 28.47
CA ARG D 182 -8.38 50.59 29.72
C ARG D 182 -7.30 50.43 30.79
N GLU D 183 -6.57 49.31 30.80
CA GLU D 183 -5.49 49.07 31.75
C GLU D 183 -4.12 49.50 31.21
N PHE D 184 -4.08 50.10 30.02
CA PHE D 184 -2.81 50.52 29.44
C PHE D 184 -2.22 51.69 30.24
N PRO D 185 -0.89 51.70 30.48
CA PRO D 185 -0.24 52.79 31.26
C PRO D 185 0.07 54.01 30.42
N TRP D 186 -0.98 54.72 30.02
CA TRP D 186 -0.84 55.86 29.12
C TRP D 186 0.00 56.98 29.73
N LYS D 187 0.11 57.06 31.07
CA LYS D 187 0.91 58.10 31.69
C LYS D 187 2.37 58.07 31.23
N HIS D 188 2.88 56.90 30.83
CA HIS D 188 4.26 56.73 30.36
C HIS D 188 4.46 57.11 28.89
N LEU D 189 3.43 57.59 28.21
CA LEU D 189 3.47 57.80 26.77
C LEU D 189 3.71 59.26 26.43
N SER D 190 4.69 59.53 25.56
CA SER D 190 4.85 60.89 25.06
C SER D 190 3.95 61.16 23.85
N TRP D 191 3.78 60.17 22.97
CA TRP D 191 2.99 60.35 21.75
C TRP D 191 2.19 59.10 21.40
N LEU D 192 0.92 59.31 21.07
CA LEU D 192 0.03 58.27 20.52
C LEU D 192 -0.25 58.60 19.06
N ILE D 193 0.08 57.68 18.16
CA ILE D 193 -0.19 57.85 16.73
C ILE D 193 -1.26 56.84 16.32
N VAL D 194 -2.35 57.34 15.73
CA VAL D 194 -3.48 56.52 15.31
C VAL D 194 -4.05 57.10 14.01
N ASN D 195 -4.87 56.29 13.35
CA ASN D 195 -5.76 56.79 12.31
C ASN D 195 -7.17 56.91 12.90
N GLU D 196 -8.09 57.50 12.12
CA GLU D 196 -9.40 57.88 12.68
C GLU D 196 -10.17 56.69 13.24
N GLY D 197 -9.98 55.50 12.65
CA GLY D 197 -10.67 54.31 13.13
C GLY D 197 -10.08 53.76 14.41
N GLU D 198 -8.76 53.85 14.54
CA GLU D 198 -8.11 53.46 15.78
C GLU D 198 -8.45 54.44 16.90
N LEU D 199 -8.55 55.73 16.58
CA LEU D 199 -9.08 56.70 17.53
C LEU D 199 -10.47 56.29 18.01
N GLY D 200 -11.31 55.82 17.09
CA GLY D 200 -12.64 55.39 17.49
C GLY D 200 -12.62 54.18 18.40
N ASP D 201 -11.67 53.27 18.19
CA ASP D 201 -11.57 52.10 19.06
C ASP D 201 -11.23 52.50 20.49
N LEU D 202 -10.33 53.46 20.66
CA LEU D 202 -10.01 53.94 22.01
C LEU D 202 -11.20 54.62 22.65
N LEU D 203 -11.85 55.53 21.93
CA LEU D 203 -12.99 56.25 22.50
C LEU D 203 -14.12 55.28 22.86
N LEU D 204 -14.35 54.28 22.01
CA LEU D 204 -15.40 53.29 22.30
C LEU D 204 -15.05 52.46 23.52
N ALA D 205 -13.79 52.03 23.64
CA ALA D 205 -13.36 51.29 24.83
C ALA D 205 -13.43 52.12 26.09
N PHE D 206 -13.46 53.45 25.97
CA PHE D 206 -13.47 54.33 27.13
C PHE D 206 -14.85 54.95 27.38
N GLY D 207 -15.90 54.39 26.76
CA GLY D 207 -17.26 54.80 27.02
C GLY D 207 -17.77 55.97 26.21
N SER D 208 -17.09 56.37 25.15
CA SER D 208 -17.50 57.53 24.38
C SER D 208 -18.62 57.17 23.42
N SER D 209 -19.49 58.15 23.16
CA SER D 209 -20.57 57.95 22.20
C SER D 209 -20.08 58.10 20.77
N ALA D 210 -19.06 58.92 20.55
CA ALA D 210 -18.60 59.23 19.20
C ALA D 210 -17.61 58.20 18.70
N ASN D 211 -17.69 57.89 17.41
CA ASN D 211 -16.70 57.05 16.73
C ASN D 211 -16.37 57.72 15.41
N PRO D 212 -15.27 58.47 15.33
CA PRO D 212 -14.90 59.12 14.06
C PRO D 212 -14.52 58.13 12.95
N GLY D 213 -14.65 56.82 13.18
CA GLY D 213 -14.41 55.88 12.09
C GLY D 213 -15.51 55.92 11.06
N GLU D 214 -16.77 56.02 11.49
CA GLU D 214 -17.90 56.03 10.58
C GLU D 214 -18.31 57.45 10.15
N ALA D 215 -17.42 58.42 10.29
CA ALA D 215 -17.73 59.79 9.88
C ALA D 215 -17.72 59.91 8.35
N LYS D 216 -18.54 60.82 7.84
CA LYS D 216 -18.50 61.16 6.43
C LYS D 216 -17.31 62.08 6.16
N GLU D 217 -16.87 62.10 4.90
CA GLU D 217 -15.66 62.85 4.54
C GLU D 217 -15.80 64.33 4.90
N ASP D 218 -17.00 64.90 4.71
CA ASP D 218 -17.21 66.29 5.05
C ASP D 218 -17.10 66.54 6.55
N GLU D 219 -17.53 65.56 7.36
CA GLU D 219 -17.45 65.68 8.81
C GLU D 219 -16.14 65.18 9.41
N LEU D 220 -15.31 64.47 8.62
CA LEU D 220 -14.22 63.70 9.20
C LEU D 220 -13.28 64.57 10.04
N GLN D 221 -12.76 65.65 9.45
CA GLN D 221 -11.76 66.47 10.14
C GLN D 221 -12.32 67.02 11.45
N ALA D 222 -13.56 67.53 11.43
CA ALA D 222 -14.12 68.10 12.65
C ALA D 222 -14.42 67.03 13.70
N LYS D 223 -14.99 65.89 13.27
CA LYS D 223 -15.33 64.86 14.24
C LYS D 223 -14.10 64.20 14.83
N ALA D 224 -13.04 64.08 14.03
CA ALA D 224 -11.79 63.52 14.54
C ALA D 224 -11.07 64.51 15.44
N SER D 225 -11.14 65.82 15.12
CA SER D 225 -10.64 66.82 16.04
C SER D 225 -11.34 66.75 17.38
N ALA D 226 -12.67 66.56 17.36
CA ALA D 226 -13.42 66.43 18.60
C ALA D 226 -13.05 65.14 19.32
N GLY D 227 -12.81 64.06 18.58
CA GLY D 227 -12.42 62.81 19.22
C GLY D 227 -11.09 62.90 19.94
N ILE D 228 -10.16 63.67 19.38
CA ILE D 228 -8.86 63.86 20.02
C ILE D 228 -9.03 64.56 21.35
N LEU D 229 -9.76 65.68 21.35
CA LEU D 229 -10.02 66.40 22.59
C LEU D 229 -10.72 65.53 23.62
N GLU D 230 -11.73 64.78 23.18
CA GLU D 230 -12.48 63.94 24.10
C GLU D 230 -11.59 62.87 24.72
N LEU D 231 -10.72 62.26 23.91
CA LEU D 231 -9.80 61.26 24.45
C LEU D 231 -8.87 61.89 25.47
N HIS D 232 -8.38 63.09 25.18
CA HIS D 232 -7.48 63.79 26.09
C HIS D 232 -8.14 63.99 27.45
N GLU D 233 -9.43 64.31 27.46
CA GLU D 233 -10.14 64.65 28.68
C GLU D 233 -10.82 63.44 29.32
N ASN D 234 -10.59 62.24 28.78
CA ASN D 234 -11.20 61.03 29.29
C ASN D 234 -10.42 60.48 30.49
N ASP D 235 -11.16 59.96 31.48
CA ASP D 235 -10.55 59.50 32.73
C ASP D 235 -9.60 58.33 32.51
N TYR D 236 -9.92 57.44 31.57
CA TYR D 236 -9.06 56.29 31.33
C TYR D 236 -7.70 56.67 30.73
N PHE D 237 -7.62 57.81 30.05
CA PHE D 237 -6.43 58.21 29.31
C PHE D 237 -5.49 59.02 30.21
N SER D 238 -4.50 59.66 29.62
CA SER D 238 -3.68 60.63 30.32
C SER D 238 -3.63 61.94 29.56
N LYS D 239 -3.55 63.04 30.32
CA LYS D 239 -3.58 64.38 29.76
C LYS D 239 -2.22 64.83 29.25
N ASN D 240 -1.16 64.07 29.52
CA ASN D 240 0.18 64.44 29.08
C ASN D 240 0.59 63.78 27.77
N VAL D 241 -0.31 63.05 27.12
CA VAL D 241 0.00 62.32 25.91
C VAL D 241 -0.38 63.18 24.71
N GLY D 242 0.58 63.46 23.85
CA GLY D 242 0.26 64.04 22.56
C GLY D 242 -0.38 63.02 21.63
N ILE D 243 -1.28 63.51 20.78
CA ILE D 243 -2.08 62.64 19.93
C ILE D 243 -1.94 63.11 18.48
N ILE D 244 -1.49 62.21 17.61
CA ILE D 244 -1.51 62.45 16.17
C ILE D 244 -2.50 61.49 15.55
N CYS D 245 -3.45 62.03 14.79
CA CYS D 245 -4.44 61.22 14.09
C CYS D 245 -4.23 61.46 12.60
N THR D 246 -3.78 60.41 11.90
CA THR D 246 -3.60 60.47 10.46
C THR D 246 -4.92 60.19 9.73
N LEU D 247 -5.13 60.90 8.63
CA LEU D 247 -6.39 60.87 7.90
C LEU D 247 -6.22 60.49 6.44
N GLY D 248 -5.19 59.69 6.13
CA GLY D 248 -4.97 59.29 4.75
C GLY D 248 -4.79 60.50 3.86
N ALA D 249 -5.53 60.55 2.76
CA ALA D 249 -5.41 61.66 1.83
C ALA D 249 -5.91 62.98 2.39
N LYS D 250 -6.64 62.96 3.52
CA LYS D 250 -7.10 64.21 4.12
C LYS D 250 -6.04 64.88 4.98
N GLY D 251 -4.95 64.20 5.31
CA GLY D 251 -3.88 64.83 6.06
C GLY D 251 -3.68 64.26 7.46
N ILE D 252 -3.33 65.12 8.42
CA ILE D 252 -3.11 64.70 9.80
C ILE D 252 -3.73 65.71 10.74
N LEU D 253 -4.11 65.24 11.91
CA LEU D 253 -4.49 66.09 13.03
C LEU D 253 -3.44 65.90 14.12
N CYS D 254 -3.00 66.99 14.72
CA CYS D 254 -1.97 66.91 15.75
C CYS D 254 -2.41 67.67 17.00
N TYR D 255 -2.33 67.00 18.14
CA TYR D 255 -2.56 67.62 19.44
C TYR D 255 -1.26 67.53 20.24
N GLU D 256 -0.63 68.67 20.45
CA GLU D 256 0.44 68.80 21.42
C GLU D 256 -0.20 69.02 22.79
N PRO D 257 0.24 68.29 23.82
CA PRO D 257 -0.43 68.42 25.12
C PRO D 257 -0.41 69.85 25.61
N GLY D 258 -1.59 70.36 25.97
CA GLY D 258 -1.75 71.72 26.44
C GLY D 258 -1.77 72.79 25.38
N LYS D 259 -1.70 72.45 24.10
CA LYS D 259 -1.85 73.41 23.03
C LYS D 259 -3.20 73.18 22.34
N GLU D 260 -3.36 73.70 21.12
CA GLU D 260 -4.60 73.56 20.39
C GLU D 260 -4.43 72.54 19.26
N VAL D 261 -5.54 71.92 18.85
CA VAL D 261 -5.46 70.84 17.87
C VAL D 261 -5.22 71.44 16.50
N GLY D 262 -4.16 70.99 15.84
CA GLY D 262 -3.78 71.53 14.55
C GLY D 262 -4.15 70.60 13.42
N TYR D 263 -4.51 71.17 12.28
CA TYR D 263 -4.72 70.41 11.06
C TYR D 263 -3.69 70.80 10.02
N LEU D 264 -3.02 69.82 9.43
CA LEU D 264 -2.15 70.01 8.30
C LEU D 264 -2.60 69.15 7.14
N PRO D 265 -2.78 69.71 5.94
CA PRO D 265 -3.20 68.90 4.79
C PRO D 265 -2.07 68.00 4.33
N ALA D 266 -2.45 66.91 3.66
CA ALA D 266 -1.45 66.03 3.07
C ALA D 266 -0.68 66.78 2.00
N ALA D 267 0.57 66.36 1.76
CA ALA D 267 1.41 67.03 0.77
C ALA D 267 0.84 66.85 -0.63
N LYS D 268 0.93 67.92 -1.44
CA LYS D 268 0.48 67.85 -2.83
C LYS D 268 1.35 66.88 -3.60
N LEU D 269 0.74 65.85 -4.18
CA LEU D 269 1.48 64.81 -4.87
C LEU D 269 1.98 65.30 -6.21
N GLN D 270 3.19 64.85 -6.58
CA GLN D 270 3.77 65.15 -7.88
C GLN D 270 3.63 64.02 -8.88
N ASN D 271 3.01 62.92 -8.47
CA ASN D 271 2.85 61.71 -9.26
C ASN D 271 1.58 61.03 -8.81
N PRO D 272 1.05 60.11 -9.62
CA PRO D 272 -0.15 59.37 -9.19
C PRO D 272 0.13 58.51 -7.98
N VAL D 273 -0.92 58.31 -7.17
CA VAL D 273 -0.90 57.33 -6.08
C VAL D 273 -0.72 55.94 -6.67
N LYS D 274 0.42 55.31 -6.41
CA LYS D 274 0.63 53.92 -6.80
C LYS D 274 0.16 52.95 -5.72
N ASP D 275 0.48 53.24 -4.46
CA ASP D 275 0.38 52.27 -3.38
C ASP D 275 0.53 52.95 -2.01
N THR D 276 -0.49 52.81 -1.16
CA THR D 276 -0.48 53.44 0.14
C THR D 276 0.05 52.52 1.23
N THR D 277 0.47 51.31 0.88
CA THR D 277 1.07 50.42 1.87
C THR D 277 2.23 51.12 2.56
N GLY D 278 2.31 50.94 3.88
CA GLY D 278 3.39 51.52 4.65
C GLY D 278 3.32 53.02 4.89
N ALA D 279 2.26 53.71 4.44
CA ALA D 279 2.20 55.16 4.61
C ALA D 279 2.22 55.56 6.08
N GLY D 280 1.50 54.82 6.93
CA GLY D 280 1.46 55.17 8.35
C GLY D 280 2.74 54.81 9.08
N ASP D 281 3.37 53.70 8.68
CA ASP D 281 4.68 53.37 9.23
C ASP D 281 5.73 54.38 8.77
N CYS D 282 5.60 54.85 7.53
CA CYS D 282 6.50 55.89 7.05
C CYS D 282 6.34 57.17 7.87
N PHE D 283 5.09 57.53 8.18
CA PHE D 283 4.84 58.69 9.02
C PHE D 283 5.47 58.52 10.41
N ALA D 284 5.23 57.37 11.05
CA ALA D 284 5.73 57.16 12.40
C ALA D 284 7.25 57.25 12.46
N GLY D 285 7.93 56.59 11.51
CA GLY D 285 9.38 56.63 11.51
C GLY D 285 9.93 58.02 11.26
N TYR D 286 9.33 58.75 10.31
CA TYR D 286 9.77 60.13 10.05
C TYR D 286 9.44 61.07 11.21
N PHE D 287 8.41 60.76 11.99
CA PHE D 287 8.05 61.60 13.11
C PHE D 287 9.06 61.45 14.24
N VAL D 288 9.38 60.20 14.59
CA VAL D 288 10.39 59.98 15.63
C VAL D 288 11.71 60.62 15.22
N ALA D 289 12.07 60.51 13.95
CA ALA D 289 13.34 61.08 13.50
C ALA D 289 13.30 62.61 13.56
N GLY D 290 12.16 63.21 13.25
CA GLY D 290 12.04 64.65 13.37
C GLY D 290 12.13 65.12 14.81
N LEU D 291 11.56 64.36 15.74
CA LEU D 291 11.76 64.67 17.16
C LEU D 291 13.24 64.58 17.52
N MET D 292 13.92 63.53 17.05
CA MET D 292 15.32 63.36 17.41
C MET D 292 16.21 64.46 16.84
N SER D 293 15.83 65.03 15.69
CA SER D 293 16.62 66.08 15.06
C SER D 293 16.51 67.42 15.78
N GLY D 294 15.67 67.53 16.81
CA GLY D 294 15.50 68.78 17.52
C GLY D 294 14.77 69.85 16.75
N LYS D 295 14.12 69.49 15.64
CA LYS D 295 13.30 70.40 14.88
C LYS D 295 12.06 70.79 15.67
N SER D 296 11.47 71.92 15.29
CA SER D 296 10.16 72.27 15.83
C SER D 296 9.16 71.18 15.47
N LEU D 297 8.15 71.02 16.34
CA LEU D 297 7.13 70.01 16.11
C LEU D 297 6.44 70.19 14.75
N GLN D 298 6.07 71.43 14.40
CA GLN D 298 5.40 71.66 13.12
C GLN D 298 6.31 71.32 11.95
N ASP D 299 7.61 71.61 12.07
CA ASP D 299 8.52 71.29 10.98
C ASP D 299 8.75 69.79 10.87
N ALA D 300 8.73 69.07 11.99
CA ALA D 300 8.80 67.61 11.94
C ALA D 300 7.58 67.03 11.25
N LEU D 301 6.39 67.59 11.52
CA LEU D 301 5.18 67.12 10.86
C LEU D 301 5.21 67.43 9.36
N LYS D 302 5.71 68.61 8.98
CA LYS D 302 5.76 68.94 7.56
C LYS D 302 6.67 67.98 6.83
N THR D 303 7.81 67.63 7.43
CA THR D 303 8.70 66.68 6.79
C THR D 303 8.05 65.32 6.66
N CYS D 304 7.27 64.91 7.67
CA CYS D 304 6.51 63.66 7.58
C CYS D 304 5.57 63.67 6.37
N LEU D 305 4.81 64.76 6.19
CA LEU D 305 3.80 64.78 5.14
C LEU D 305 4.44 64.68 3.77
N VAL D 306 5.57 65.35 3.58
CA VAL D 306 6.28 65.29 2.30
C VAL D 306 6.84 63.89 2.08
N ALA D 307 7.39 63.28 3.14
CA ALA D 307 7.88 61.91 3.04
C ALA D 307 6.75 60.95 2.72
N CYS D 308 5.61 61.10 3.40
CA CYS D 308 4.48 60.21 3.13
C CYS D 308 3.93 60.40 1.73
N GLY D 309 3.96 61.64 1.22
CA GLY D 309 3.57 61.87 -0.17
C GLY D 309 4.42 61.08 -1.15
N ILE D 310 5.74 61.13 -0.99
CA ILE D 310 6.62 60.31 -1.82
C ILE D 310 6.29 58.84 -1.61
N CYS D 311 5.94 58.47 -0.38
CA CYS D 311 5.72 57.07 -0.07
C CYS D 311 4.54 56.50 -0.85
N VAL D 312 3.43 57.25 -0.89
CA VAL D 312 2.23 56.75 -1.57
C VAL D 312 2.36 56.80 -3.08
N GLU D 313 3.36 57.52 -3.60
CA GLU D 313 3.62 57.55 -5.03
C GLU D 313 4.47 56.38 -5.51
N ASN D 314 4.93 55.53 -4.60
CA ASN D 314 5.87 54.47 -4.94
C ASN D 314 5.38 53.12 -4.41
N GLU D 315 5.78 52.06 -5.11
CA GLU D 315 5.32 50.71 -4.79
C GLU D 315 6.12 50.11 -3.64
N GLY D 316 5.43 49.34 -2.80
CA GLY D 316 6.09 48.60 -1.74
C GLY D 316 5.86 49.21 -0.38
N ALA D 317 6.33 48.48 0.64
CA ALA D 317 6.21 48.98 2.00
C ALA D 317 7.49 49.75 2.33
N MET D 318 8.53 49.03 2.76
CA MET D 318 9.81 49.68 3.06
C MET D 318 10.40 50.34 1.81
N GLU D 319 10.38 49.62 0.69
CA GLU D 319 11.07 50.08 -0.50
C GLU D 319 10.57 51.45 -0.95
N SER D 320 9.34 51.81 -0.59
CA SER D 320 8.78 53.10 -1.00
C SER D 320 9.24 54.27 -0.13
N VAL D 321 9.81 54.02 1.05
CA VAL D 321 10.18 55.09 1.99
C VAL D 321 11.35 55.90 1.43
N PRO D 322 11.21 57.21 1.29
CA PRO D 322 12.28 58.02 0.71
C PRO D 322 13.40 58.34 1.70
N THR D 323 14.57 58.63 1.11
CA THR D 323 15.67 59.15 1.91
C THR D 323 15.44 60.62 2.20
N LEU D 324 16.10 61.12 3.25
CA LEU D 324 15.99 62.53 3.62
C LEU D 324 16.37 63.43 2.46
N ASN D 325 17.43 63.05 1.73
CA ASN D 325 17.81 63.82 0.56
C ASN D 325 16.67 63.88 -0.45
N ALA D 326 16.00 62.75 -0.66
CA ALA D 326 14.85 62.74 -1.57
C ALA D 326 13.72 63.60 -1.04
N VAL D 327 13.50 63.59 0.28
CA VAL D 327 12.48 64.47 0.86
C VAL D 327 12.90 65.93 0.70
N LYS D 328 14.19 66.22 0.90
CA LYS D 328 14.70 67.59 0.77
C LYS D 328 14.73 68.05 -0.67
N GLU D 329 14.97 67.14 -1.63
CA GLU D 329 14.93 67.53 -3.04
C GLU D 329 13.53 67.98 -3.43
N ARG D 330 12.50 67.37 -2.87
CA ARG D 330 11.14 67.83 -3.14
C ARG D 330 10.86 69.13 -2.39
N LEU D 331 11.54 69.35 -1.27
CA LEU D 331 11.39 70.56 -0.47
C LEU D 331 12.43 71.63 -0.81
#